data_5AQF
#
_entry.id   5AQF
#
_cell.length_a   230.729
_cell.length_b   40.740
_cell.length_c   116.690
_cell.angle_alpha   90.00
_cell.angle_beta   91.16
_cell.angle_gamma   90.00
#
_symmetry.space_group_name_H-M   'C 1 2 1'
#
loop_
_entity.id
_entity.type
_entity.pdbx_description
1 polymer 'HEAT SHOCK COGNATE 71 KDA PROTEIN'
2 polymer 'BAG FAMILY MOLECULAR CHAPERONE REGULATOR 1'
3 non-polymer ADENOSINE
4 non-polymer GLYCEROL
5 non-polymer 2-AMINO-2-HYDROXYMETHYL-PROPANE-1,3-DIOL
6 water water
#
loop_
_entity_poly.entity_id
_entity_poly.type
_entity_poly.pdbx_seq_one_letter_code
_entity_poly.pdbx_strand_id
1 'polypeptide(L)'
;GPLGSMSKGPAVGIDLGTTYSCVGVFQHGKVEIIANDQGNRTTPSYVAFTDTERLIGDAAKNQVAMNPTNTVFDAKRLIG
RRFDDAVVQSDMKHWPFMVVNDAGRPKVQVEYKGETKSFYPEEVSSMVLTKMKEIAEAYLGKTVTNAVVTVPAYFNDSQR
QATKDAGTIAGLNVLRIINEPTAAAIAYGLDKKVGAERNVLIFDLGGGTFDVSILTIEDGIFEVKSTAGDTHLGGEDFDN
RMVNHFIAEFKRKHKKDISENKRAVRRLRTACERAKRTLSSSTQASIEIDSLYEGIDFYTSITRARFEELNADLFRGTLD
PVEKALRDAKLDKSQIHDIVLVGGSTRIPKIQKLLQDFFNGKELNKSINPDEAVAYGAAVQAAILS
;
A,C
2 'polypeptide(L)'
;GPLGSNSPQEEVELKKLKHLEKSVEKIADQLEELNKELTGIQQGFLPKDLQAEALCKLDRRVKATIEQFMKILEEIDTLI
LPENFKDSRLKRKGLVKKVQAFLAECDTVEQNICQETE
;
B,D
#
loop_
_chem_comp.id
_chem_comp.type
_chem_comp.name
_chem_comp.formula
ADN non-polymer ADENOSINE 'C10 H13 N5 O4'
GOL non-polymer GLYCEROL 'C3 H8 O3'
TRS non-polymer 2-AMINO-2-HYDROXYMETHYL-PROPANE-1,3-DIOL 'C4 H12 N O3 1'
#
# COMPACT_ATOMS: atom_id res chain seq x y z
N SER A 5 -3.94 17.12 -44.39
CA SER A 5 -3.93 17.56 -42.98
C SER A 5 -4.51 16.50 -42.01
N MET A 6 -4.43 16.80 -40.70
CA MET A 6 -4.84 15.91 -39.60
C MET A 6 -6.33 15.65 -39.50
N SER A 7 -6.67 14.42 -39.06
CA SER A 7 -8.04 13.96 -38.78
C SER A 7 -8.51 14.60 -37.44
N LYS A 8 -9.84 14.65 -37.20
CA LYS A 8 -10.41 15.23 -35.97
C LYS A 8 -10.20 14.28 -34.80
N GLY A 9 -9.65 14.81 -33.72
CA GLY A 9 -9.33 14.05 -32.51
C GLY A 9 -10.39 14.11 -31.41
N PRO A 10 -10.11 13.46 -30.26
CA PRO A 10 -11.09 13.45 -29.16
C PRO A 10 -11.10 14.74 -28.36
N ALA A 11 -12.03 14.83 -27.38
CA ALA A 11 -12.13 15.95 -26.45
C ALA A 11 -11.12 15.71 -25.34
N VAL A 12 -10.52 16.78 -24.83
CA VAL A 12 -9.49 16.70 -23.80
C VAL A 12 -9.90 17.39 -22.51
N GLY A 13 -9.18 17.13 -21.44
CA GLY A 13 -9.37 17.81 -20.15
C GLY A 13 -8.16 18.64 -19.82
N ILE A 14 -8.36 19.91 -19.48
CA ILE A 14 -7.27 20.83 -19.17
C ILE A 14 -7.40 21.43 -17.77
N ASP A 15 -6.37 21.23 -16.96
CA ASP A 15 -6.29 21.85 -15.65
C ASP A 15 -5.44 23.08 -15.96
N LEU A 16 -6.04 24.26 -15.98
CA LEU A 16 -5.32 25.51 -16.26
C LEU A 16 -4.87 26.04 -14.87
N GLY A 17 -3.65 25.73 -14.49
CA GLY A 17 -3.17 26.05 -13.16
C GLY A 17 -2.44 27.36 -13.02
N THR A 18 -2.30 27.80 -11.78
CA THR A 18 -1.59 29.04 -11.45
C THR A 18 -0.13 29.03 -11.94
N THR A 19 0.62 27.98 -11.59
CA THR A 19 2.04 27.87 -11.96
C THR A 19 2.27 26.86 -13.09
N TYR A 20 1.52 25.74 -13.07
CA TYR A 20 1.61 24.68 -14.09
C TYR A 20 0.23 24.27 -14.60
N SER A 21 0.15 23.89 -15.87
CA SER A 21 -1.07 23.41 -16.49
C SER A 21 -0.85 21.95 -16.93
N CYS A 22 -1.92 21.18 -17.04
CA CYS A 22 -1.84 19.76 -17.35
C CYS A 22 -2.99 19.38 -18.29
N VAL A 23 -2.71 18.56 -19.33
CA VAL A 23 -3.76 18.13 -20.27
C VAL A 23 -3.81 16.57 -20.32
N GLY A 24 -5.04 16.06 -20.26
CA GLY A 24 -5.32 14.63 -20.33
C GLY A 24 -6.32 14.28 -21.40
N VAL A 25 -6.33 13.00 -21.80
CA VAL A 25 -7.25 12.48 -22.78
C VAL A 25 -7.74 11.08 -22.34
N PHE A 26 -9.08 10.87 -22.39
CA PHE A 26 -9.63 9.55 -22.08
C PHE A 26 -9.64 8.75 -23.39
N GLN A 27 -8.82 7.68 -23.46
CA GLN A 27 -8.64 6.81 -24.63
C GLN A 27 -8.37 5.38 -24.20
N HIS A 28 -8.97 4.41 -24.91
CA HIS A 28 -8.86 2.96 -24.65
C HIS A 28 -9.25 2.62 -23.20
N GLY A 29 -10.37 3.19 -22.75
CA GLY A 29 -10.89 2.98 -21.40
C GLY A 29 -10.09 3.54 -20.24
N LYS A 30 -9.16 4.47 -20.49
CA LYS A 30 -8.34 5.08 -19.44
C LYS A 30 -7.86 6.50 -19.78
N VAL A 31 -7.46 7.25 -18.75
CA VAL A 31 -6.91 8.59 -18.94
C VAL A 31 -5.40 8.53 -19.19
N GLU A 32 -4.97 9.20 -20.27
CA GLU A 32 -3.56 9.38 -20.58
C GLU A 32 -3.26 10.86 -20.35
N ILE A 33 -2.36 11.15 -19.41
CA ILE A 33 -1.89 12.50 -19.12
C ILE A 33 -0.77 12.73 -20.17
N ILE A 34 -0.93 13.78 -20.99
CA ILE A 34 -0.07 14.04 -22.14
C ILE A 34 1.21 14.83 -21.82
N ALA A 35 2.37 14.22 -22.17
CA ALA A 35 3.68 14.86 -22.05
C ALA A 35 3.83 15.93 -23.14
N ASN A 36 4.45 17.08 -22.81
CA ASN A 36 4.71 18.16 -23.75
C ASN A 36 5.95 17.88 -24.60
N ASP A 37 6.36 18.84 -25.45
CA ASP A 37 7.51 18.67 -26.34
C ASP A 37 8.83 18.38 -25.59
N GLN A 38 8.93 18.75 -24.30
CA GLN A 38 10.12 18.45 -23.50
C GLN A 38 9.97 17.17 -22.63
N GLY A 39 8.90 16.42 -22.85
CA GLY A 39 8.62 15.19 -22.13
C GLY A 39 8.02 15.42 -20.75
N ASN A 40 7.55 16.65 -20.46
CA ASN A 40 6.99 16.97 -19.16
C ASN A 40 5.48 16.84 -19.16
N ARG A 41 4.94 16.18 -18.12
CA ARG A 41 3.52 15.91 -17.95
C ARG A 41 2.75 17.12 -17.40
N THR A 42 3.49 18.18 -16.98
CA THR A 42 2.91 19.48 -16.62
C THR A 42 3.68 20.55 -17.40
N THR A 43 3.02 21.66 -17.72
CA THR A 43 3.63 22.74 -18.49
C THR A 43 3.56 24.04 -17.69
N PRO A 44 4.68 24.77 -17.49
CA PRO A 44 4.57 26.06 -16.76
C PRO A 44 3.58 27.02 -17.44
N SER A 45 2.71 27.64 -16.64
CA SER A 45 1.71 28.61 -17.10
C SER A 45 2.45 29.97 -17.25
N TYR A 46 3.47 29.96 -18.14
CA TYR A 46 4.38 31.08 -18.41
C TYR A 46 4.32 31.51 -19.85
N VAL A 47 4.41 32.82 -20.07
CA VAL A 47 4.45 33.43 -21.40
C VAL A 47 5.54 34.48 -21.37
N ALA A 48 6.50 34.39 -22.31
CA ALA A 48 7.61 35.32 -22.40
C ALA A 48 7.59 36.07 -23.72
N PHE A 49 7.96 37.35 -23.65
CA PHE A 49 8.02 38.26 -24.79
C PHE A 49 9.46 38.68 -24.94
N THR A 50 10.04 38.43 -26.10
CA THR A 50 11.45 38.77 -26.34
C THR A 50 11.56 39.75 -27.51
N ASP A 51 12.79 40.15 -27.83
CA ASP A 51 13.08 41.05 -28.95
C ASP A 51 12.66 40.44 -30.29
N THR A 52 12.52 39.10 -30.36
CA THR A 52 12.24 38.39 -31.61
C THR A 52 11.06 37.43 -31.58
N GLU A 53 10.67 36.91 -30.41
CA GLU A 53 9.56 35.94 -30.36
C GLU A 53 8.75 35.97 -29.06
N ARG A 54 7.69 35.17 -29.06
CA ARG A 54 6.82 34.92 -27.93
C ARG A 54 7.05 33.43 -27.58
N LEU A 55 7.36 33.16 -26.32
CA LEU A 55 7.62 31.80 -25.83
C LEU A 55 6.56 31.43 -24.83
N ILE A 56 6.11 30.17 -24.85
CA ILE A 56 5.09 29.67 -23.92
C ILE A 56 5.58 28.39 -23.28
N GLY A 57 5.26 28.19 -22.01
CA GLY A 57 5.54 26.96 -21.29
C GLY A 57 6.94 26.83 -20.78
N ASP A 58 7.53 25.64 -20.97
CA ASP A 58 8.91 25.35 -20.56
C ASP A 58 9.90 26.34 -21.16
N ALA A 59 9.77 26.67 -22.46
CA ALA A 59 10.67 27.62 -23.13
C ALA A 59 10.60 29.02 -22.49
N ALA A 60 9.40 29.42 -21.98
CA ALA A 60 9.24 30.71 -21.29
C ALA A 60 9.86 30.63 -19.87
N LYS A 61 9.53 29.57 -19.09
CA LYS A 61 10.12 29.43 -17.75
C LYS A 61 11.65 29.32 -17.78
N ASN A 62 12.20 28.63 -18.80
CA ASN A 62 13.64 28.41 -18.94
C ASN A 62 14.44 29.72 -19.12
N GLN A 63 13.81 30.80 -19.58
CA GLN A 63 14.53 32.08 -19.78
C GLN A 63 14.07 33.18 -18.81
N VAL A 64 13.34 32.82 -17.74
CA VAL A 64 12.81 33.78 -16.77
C VAL A 64 13.97 34.60 -16.11
N ALA A 65 15.09 33.94 -15.73
CA ALA A 65 16.23 34.63 -15.11
C ALA A 65 16.90 35.61 -16.07
N MET A 66 16.82 35.36 -17.40
CA MET A 66 17.42 36.20 -18.45
C MET A 66 16.52 37.39 -18.85
N ASN A 67 15.19 37.27 -18.69
CA ASN A 67 14.24 38.29 -19.14
C ASN A 67 13.09 38.39 -18.11
N PRO A 68 13.36 38.78 -16.84
CA PRO A 68 12.27 38.78 -15.83
C PRO A 68 11.10 39.73 -16.04
N THR A 69 11.35 40.96 -16.56
CA THR A 69 10.27 41.95 -16.69
C THR A 69 9.32 41.63 -17.85
N ASN A 70 9.71 40.77 -18.78
CA ASN A 70 8.84 40.43 -19.92
C ASN A 70 8.35 38.98 -19.92
N THR A 71 8.51 38.28 -18.78
CA THR A 71 8.06 36.89 -18.59
C THR A 71 6.90 36.91 -17.60
N VAL A 72 5.70 36.69 -18.14
CA VAL A 72 4.43 36.72 -17.42
C VAL A 72 4.08 35.31 -16.90
N PHE A 73 3.61 35.26 -15.66
CA PHE A 73 3.17 34.05 -14.99
C PHE A 73 2.12 34.52 -14.01
N ASP A 74 1.41 33.60 -13.37
CA ASP A 74 0.40 33.97 -12.38
C ASP A 74 -0.79 34.74 -12.95
N ALA A 75 -1.05 34.61 -14.26
CA ALA A 75 -2.18 35.31 -14.89
C ALA A 75 -3.51 34.86 -14.28
N LYS A 76 -3.55 33.63 -13.71
CA LYS A 76 -4.72 33.05 -13.01
C LYS A 76 -5.07 33.87 -11.74
N ARG A 77 -4.05 34.48 -11.09
CA ARG A 77 -4.23 35.31 -9.92
C ARG A 77 -4.90 36.65 -10.31
N LEU A 78 -4.90 36.99 -11.63
CA LEU A 78 -5.47 38.23 -12.19
C LEU A 78 -6.76 38.02 -12.96
N ILE A 79 -6.93 36.85 -13.61
CA ILE A 79 -8.05 36.58 -14.50
C ILE A 79 -9.43 36.85 -13.87
N GLY A 80 -10.20 37.65 -14.58
CA GLY A 80 -11.53 38.05 -14.15
C GLY A 80 -11.59 39.00 -12.97
N ARG A 81 -10.44 39.49 -12.46
CA ARG A 81 -10.45 40.45 -11.33
C ARG A 81 -10.45 41.89 -11.82
N ARG A 82 -10.92 42.81 -10.99
CA ARG A 82 -10.84 44.26 -11.24
C ARG A 82 -9.43 44.67 -10.81
N PHE A 83 -8.92 45.80 -11.33
CA PHE A 83 -7.59 46.28 -10.99
C PHE A 83 -7.44 46.58 -9.49
N ASP A 84 -8.49 47.14 -8.88
CA ASP A 84 -8.50 47.56 -7.50
C ASP A 84 -8.81 46.44 -6.49
N ASP A 85 -8.95 45.20 -6.98
CA ASP A 85 -9.14 44.01 -6.16
C ASP A 85 -7.92 43.90 -5.20
N ALA A 86 -8.18 43.60 -3.91
CA ALA A 86 -7.13 43.49 -2.89
C ALA A 86 -6.04 42.50 -3.30
N VAL A 87 -6.44 41.38 -3.97
CA VAL A 87 -5.56 40.32 -4.45
C VAL A 87 -4.59 40.87 -5.51
N VAL A 88 -5.10 41.61 -6.52
CA VAL A 88 -4.30 42.22 -7.60
C VAL A 88 -3.24 43.16 -7.01
N GLN A 89 -3.67 44.07 -6.13
CA GLN A 89 -2.78 45.04 -5.50
C GLN A 89 -1.70 44.39 -4.64
N SER A 90 -2.04 43.30 -3.93
CA SER A 90 -1.10 42.58 -3.04
C SER A 90 -0.08 41.80 -3.87
N ASP A 91 -0.56 41.09 -4.90
CA ASP A 91 0.30 40.28 -5.76
C ASP A 91 1.22 41.07 -6.67
N MET A 92 0.78 42.25 -7.14
CA MET A 92 1.62 43.02 -8.07
C MET A 92 2.87 43.62 -7.40
N LYS A 93 2.94 43.65 -6.05
CA LYS A 93 4.12 44.12 -5.32
C LYS A 93 5.28 43.11 -5.42
N HIS A 94 4.94 41.87 -5.73
CA HIS A 94 5.89 40.76 -5.88
C HIS A 94 6.24 40.30 -7.31
N TRP A 95 5.50 40.76 -8.32
CA TRP A 95 5.80 40.38 -9.70
C TRP A 95 6.84 41.28 -10.33
N PRO A 96 7.80 40.72 -11.11
CA PRO A 96 8.79 41.58 -11.81
C PRO A 96 8.24 42.27 -13.04
N PHE A 97 7.10 41.79 -13.58
CA PHE A 97 6.43 42.38 -14.75
C PHE A 97 5.42 43.43 -14.29
N MET A 98 5.12 44.40 -15.16
CA MET A 98 4.19 45.50 -14.88
C MET A 98 2.74 45.09 -15.05
N VAL A 99 1.88 45.58 -14.15
CA VAL A 99 0.42 45.41 -14.22
C VAL A 99 -0.15 46.84 -14.25
N VAL A 100 -0.89 47.17 -15.32
CA VAL A 100 -1.46 48.53 -15.49
C VAL A 100 -2.99 48.50 -15.39
N ASN A 101 -3.58 49.65 -15.11
CA ASN A 101 -5.02 49.82 -15.01
C ASN A 101 -5.58 50.31 -16.34
N ASP A 102 -6.43 49.50 -16.98
CA ASP A 102 -7.11 49.90 -18.22
C ASP A 102 -8.60 49.95 -17.92
N ALA A 103 -9.12 51.16 -17.65
CA ALA A 103 -10.52 51.44 -17.31
C ALA A 103 -11.11 50.48 -16.23
N GLY A 104 -10.34 50.27 -15.17
CA GLY A 104 -10.74 49.41 -14.06
C GLY A 104 -10.31 47.96 -14.17
N ARG A 105 -9.80 47.56 -15.34
CA ARG A 105 -9.37 46.20 -15.61
C ARG A 105 -7.85 46.09 -15.60
N PRO A 106 -7.25 45.02 -15.01
CA PRO A 106 -5.80 44.92 -15.06
C PRO A 106 -5.31 44.41 -16.42
N LYS A 107 -4.12 44.84 -16.80
CA LYS A 107 -3.45 44.41 -18.02
C LYS A 107 -1.98 44.19 -17.70
N VAL A 108 -1.37 43.14 -18.24
CA VAL A 108 0.07 42.97 -18.04
C VAL A 108 0.74 43.80 -19.12
N GLN A 109 1.77 44.57 -18.75
CA GLN A 109 2.47 45.41 -19.71
C GLN A 109 3.88 44.88 -19.91
N VAL A 110 4.27 44.67 -21.18
CA VAL A 110 5.59 44.11 -21.52
C VAL A 110 6.21 44.78 -22.76
N GLU A 111 7.52 44.51 -22.97
CA GLU A 111 8.25 44.93 -24.17
C GLU A 111 8.24 43.69 -25.08
N TYR A 112 7.74 43.84 -26.30
CA TYR A 112 7.63 42.72 -27.23
C TYR A 112 8.06 43.17 -28.63
N LYS A 113 9.20 42.62 -29.11
CA LYS A 113 9.83 42.94 -30.40
C LYS A 113 10.12 44.44 -30.48
N GLY A 114 10.65 44.97 -29.38
CA GLY A 114 11.02 46.38 -29.24
C GLY A 114 9.86 47.34 -29.04
N GLU A 115 8.62 46.84 -28.84
CA GLU A 115 7.42 47.69 -28.67
C GLU A 115 6.72 47.42 -27.35
N THR A 116 6.13 48.47 -26.73
CA THR A 116 5.36 48.35 -25.48
C THR A 116 3.98 47.79 -25.82
N LYS A 117 3.67 46.58 -25.32
CA LYS A 117 2.39 45.92 -25.56
C LYS A 117 1.69 45.56 -24.24
N SER A 118 0.35 45.64 -24.24
CA SER A 118 -0.42 45.28 -23.06
C SER A 118 -1.38 44.15 -23.38
N PHE A 119 -1.60 43.23 -22.43
CA PHE A 119 -2.49 42.10 -22.61
C PHE A 119 -3.37 41.89 -21.41
N TYR A 120 -4.62 41.55 -21.67
CA TYR A 120 -5.57 41.21 -20.60
C TYR A 120 -5.19 39.82 -20.04
N PRO A 121 -5.53 39.49 -18.77
CA PRO A 121 -5.18 38.17 -18.22
C PRO A 121 -5.73 37.00 -19.05
N GLU A 122 -6.96 37.13 -19.61
CA GLU A 122 -7.55 36.08 -20.46
C GLU A 122 -6.76 35.88 -21.78
N GLU A 123 -6.07 36.92 -22.26
CA GLU A 123 -5.23 36.80 -23.46
C GLU A 123 -3.99 36.00 -23.13
N VAL A 124 -3.38 36.27 -21.92
CA VAL A 124 -2.21 35.51 -21.48
C VAL A 124 -2.62 34.03 -21.27
N SER A 125 -3.75 33.78 -20.57
CA SER A 125 -4.25 32.43 -20.33
C SER A 125 -4.66 31.73 -21.61
N SER A 126 -5.10 32.49 -22.63
CA SER A 126 -5.45 31.92 -23.93
C SER A 126 -4.17 31.36 -24.60
N MET A 127 -3.02 32.00 -24.37
CA MET A 127 -1.74 31.56 -24.94
C MET A 127 -1.29 30.26 -24.28
N VAL A 128 -1.52 30.11 -22.95
CA VAL A 128 -1.20 28.88 -22.20
C VAL A 128 -2.16 27.76 -22.70
N LEU A 129 -3.45 28.10 -22.90
CA LEU A 129 -4.43 27.13 -23.39
C LEU A 129 -4.11 26.69 -24.81
N THR A 130 -3.62 27.62 -25.67
CA THR A 130 -3.17 27.31 -27.04
C THR A 130 -2.04 26.29 -26.98
N LYS A 131 -1.10 26.48 -26.05
CA LYS A 131 -0.01 25.53 -25.87
C LYS A 131 -0.53 24.15 -25.45
N MET A 132 -1.50 24.10 -24.48
CA MET A 132 -2.07 22.82 -24.02
C MET A 132 -2.77 22.07 -25.17
N LYS A 133 -3.50 22.80 -26.03
CA LYS A 133 -4.18 22.29 -27.24
C LYS A 133 -3.13 21.69 -28.21
N GLU A 134 -2.02 22.42 -28.45
CA GLU A 134 -0.92 21.99 -29.33
C GLU A 134 -0.20 20.76 -28.79
N ILE A 135 -0.02 20.69 -27.46
CA ILE A 135 0.58 19.55 -26.75
C ILE A 135 -0.29 18.31 -27.01
N ALA A 136 -1.63 18.45 -26.89
CA ALA A 136 -2.56 17.34 -27.16
C ALA A 136 -2.48 16.91 -28.63
N GLU A 137 -2.45 17.86 -29.57
CA GLU A 137 -2.38 17.58 -31.00
C GLU A 137 -1.07 16.91 -31.41
N ALA A 138 0.08 17.33 -30.82
CA ALA A 138 1.41 16.74 -31.09
C ALA A 138 1.44 15.28 -30.69
N TYR A 139 0.78 14.91 -29.57
CA TYR A 139 0.71 13.53 -29.10
C TYR A 139 -0.28 12.65 -29.89
N LEU A 140 -1.50 13.15 -30.11
CA LEU A 140 -2.56 12.39 -30.78
C LEU A 140 -2.39 12.27 -32.25
N GLY A 141 -1.72 13.25 -32.85
CA GLY A 141 -1.53 13.31 -34.30
C GLY A 141 -2.84 13.64 -34.99
N LYS A 142 -3.75 14.30 -34.24
CA LYS A 142 -5.09 14.69 -34.69
C LYS A 142 -5.38 16.12 -34.18
N THR A 143 -6.28 16.86 -34.84
CA THR A 143 -6.65 18.22 -34.37
C THR A 143 -7.54 18.08 -33.13
N VAL A 144 -7.36 18.98 -32.17
CA VAL A 144 -8.08 19.04 -30.90
C VAL A 144 -8.79 20.39 -30.84
N THR A 145 -10.11 20.39 -30.63
CA THR A 145 -10.95 21.59 -30.52
C THR A 145 -11.77 21.57 -29.19
N ASN A 146 -12.30 20.40 -28.81
CA ASN A 146 -13.17 20.28 -27.63
C ASN A 146 -12.43 20.02 -26.36
N ALA A 147 -12.77 20.77 -25.30
CA ALA A 147 -12.12 20.64 -24.01
C ALA A 147 -12.99 21.01 -22.84
N VAL A 148 -12.74 20.35 -21.73
CA VAL A 148 -13.28 20.72 -20.43
C VAL A 148 -12.11 21.45 -19.75
N VAL A 149 -12.36 22.65 -19.23
CA VAL A 149 -11.35 23.47 -18.54
C VAL A 149 -11.79 23.63 -17.07
N THR A 150 -10.85 23.46 -16.14
CA THR A 150 -11.17 23.57 -14.72
C THR A 150 -10.87 24.95 -14.15
N VAL A 151 -11.55 25.29 -13.02
CA VAL A 151 -11.35 26.54 -12.29
C VAL A 151 -11.42 26.26 -10.79
N PRO A 152 -10.85 27.11 -9.91
CA PRO A 152 -11.06 26.90 -8.47
C PRO A 152 -12.55 27.08 -8.08
N ALA A 153 -12.99 26.37 -7.04
CA ALA A 153 -14.37 26.44 -6.53
C ALA A 153 -14.77 27.85 -6.06
N TYR A 154 -13.79 28.63 -5.57
CA TYR A 154 -14.05 30.00 -5.09
C TYR A 154 -14.11 31.08 -6.23
N PHE A 155 -13.83 30.71 -7.51
CA PHE A 155 -13.91 31.67 -8.62
C PHE A 155 -15.34 32.20 -8.74
N ASN A 156 -15.49 33.54 -8.82
CA ASN A 156 -16.80 34.19 -8.97
C ASN A 156 -17.23 34.14 -10.47
N ASP A 157 -18.33 34.81 -10.85
CA ASP A 157 -18.84 34.83 -12.23
C ASP A 157 -17.86 35.40 -13.25
N SER A 158 -17.19 36.50 -12.89
CA SER A 158 -16.25 37.23 -13.74
C SER A 158 -15.00 36.38 -14.01
N GLN A 159 -14.47 35.72 -12.96
CA GLN A 159 -13.29 34.85 -13.09
C GLN A 159 -13.61 33.61 -13.95
N ARG A 160 -14.83 33.06 -13.82
CA ARG A 160 -15.31 31.90 -14.62
C ARG A 160 -15.46 32.32 -16.07
N GLN A 161 -16.15 33.47 -16.32
CA GLN A 161 -16.37 33.99 -17.67
C GLN A 161 -15.04 34.30 -18.39
N ALA A 162 -14.10 34.97 -17.70
CA ALA A 162 -12.78 35.30 -18.25
C ALA A 162 -12.00 34.02 -18.62
N THR A 163 -12.19 32.91 -17.87
CA THR A 163 -11.53 31.63 -18.18
C THR A 163 -12.15 31.04 -19.46
N LYS A 164 -13.48 31.10 -19.58
CA LYS A 164 -14.23 30.64 -20.76
C LYS A 164 -13.75 31.41 -21.99
N ASP A 165 -13.61 32.75 -21.86
CA ASP A 165 -13.12 33.66 -22.90
C ASP A 165 -11.69 33.32 -23.32
N ALA A 166 -10.82 32.94 -22.35
CA ALA A 166 -9.44 32.52 -22.70
C ALA A 166 -9.51 31.27 -23.61
N GLY A 167 -10.40 30.33 -23.28
CA GLY A 167 -10.62 29.12 -24.07
C GLY A 167 -11.08 29.43 -25.48
N THR A 168 -12.05 30.38 -25.60
CA THR A 168 -12.58 30.85 -26.89
C THR A 168 -11.48 31.50 -27.77
N ILE A 169 -10.66 32.41 -27.19
CA ILE A 169 -9.56 33.09 -27.89
C ILE A 169 -8.54 32.02 -28.37
N ALA A 170 -8.30 30.97 -27.56
CA ALA A 170 -7.39 29.86 -27.88
C ALA A 170 -7.93 28.94 -28.97
N GLY A 171 -9.15 29.19 -29.45
CA GLY A 171 -9.77 28.37 -30.49
C GLY A 171 -10.36 27.09 -29.95
N LEU A 172 -10.58 27.04 -28.62
CA LEU A 172 -11.17 25.85 -28.03
C LEU A 172 -12.66 26.02 -27.92
N ASN A 173 -13.36 24.90 -28.14
CA ASN A 173 -14.76 24.78 -27.90
C ASN A 173 -14.85 24.22 -26.47
N VAL A 174 -15.09 25.10 -25.51
CA VAL A 174 -15.13 24.74 -24.09
C VAL A 174 -16.46 24.05 -23.80
N LEU A 175 -16.42 22.72 -23.64
CA LEU A 175 -17.59 21.87 -23.38
C LEU A 175 -18.23 22.16 -22.05
N ARG A 176 -17.39 22.51 -21.04
CA ARG A 176 -17.83 22.86 -19.69
C ARG A 176 -16.69 23.37 -18.89
N ILE A 177 -17.00 24.26 -17.96
CA ILE A 177 -16.09 24.74 -16.95
C ILE A 177 -16.53 23.96 -15.72
N ILE A 178 -15.62 23.19 -15.11
CA ILE A 178 -15.98 22.47 -13.86
C ILE A 178 -14.98 22.87 -12.78
N ASN A 179 -15.38 22.75 -11.49
CA ASN A 179 -14.49 23.09 -10.36
C ASN A 179 -13.36 22.09 -10.22
N GLU A 180 -12.18 22.56 -9.78
CA GLU A 180 -10.99 21.70 -9.57
C GLU A 180 -11.27 20.59 -8.53
N PRO A 181 -11.89 20.88 -7.35
CA PRO A 181 -12.18 19.78 -6.40
C PRO A 181 -13.18 18.76 -6.96
N THR A 182 -14.16 19.21 -7.78
CA THR A 182 -15.14 18.33 -8.43
C THR A 182 -14.39 17.40 -9.40
N ALA A 183 -13.49 17.95 -10.25
CA ALA A 183 -12.69 17.18 -11.20
C ALA A 183 -11.87 16.09 -10.43
N ALA A 184 -11.27 16.44 -9.28
CA ALA A 184 -10.49 15.49 -8.47
C ALA A 184 -11.38 14.36 -7.92
N ALA A 185 -12.62 14.70 -7.49
CA ALA A 185 -13.58 13.70 -7.00
C ALA A 185 -14.02 12.77 -8.16
N ILE A 186 -14.21 13.34 -9.37
CA ILE A 186 -14.57 12.60 -10.59
C ILE A 186 -13.48 11.62 -10.98
N ALA A 187 -12.20 12.03 -10.88
CA ALA A 187 -11.02 11.20 -11.18
C ALA A 187 -11.05 9.89 -10.35
N TYR A 188 -11.50 9.99 -9.07
CA TYR A 188 -11.57 8.85 -8.15
C TYR A 188 -12.90 8.12 -8.18
N GLY A 189 -13.80 8.49 -9.08
CA GLY A 189 -15.13 7.88 -9.23
C GLY A 189 -15.97 8.00 -7.98
N LEU A 190 -15.77 9.08 -7.20
CA LEU A 190 -16.50 9.28 -5.95
C LEU A 190 -18.00 9.48 -6.13
N ASP A 191 -18.42 9.96 -7.29
CA ASP A 191 -19.82 10.14 -7.63
C ASP A 191 -20.52 8.80 -7.96
N LYS A 192 -19.74 7.76 -8.32
CA LYS A 192 -20.25 6.44 -8.74
C LYS A 192 -20.35 5.44 -7.59
N LYS A 193 -19.92 5.84 -6.38
CA LYS A 193 -20.00 4.97 -5.21
C LYS A 193 -21.46 4.86 -4.76
N VAL A 194 -21.90 3.64 -4.49
CA VAL A 194 -23.27 3.35 -4.10
C VAL A 194 -23.55 3.78 -2.65
N GLY A 195 -24.79 4.16 -2.36
CA GLY A 195 -25.21 4.61 -1.04
C GLY A 195 -25.83 5.99 -1.03
N ALA A 196 -25.86 6.60 0.16
CA ALA A 196 -26.43 7.93 0.34
C ALA A 196 -25.43 9.04 -0.09
N GLU A 197 -25.67 10.30 0.35
CA GLU A 197 -24.78 11.41 0.04
C GLU A 197 -23.39 11.19 0.62
N ARG A 198 -22.34 11.55 -0.14
CA ARG A 198 -20.96 11.43 0.31
C ARG A 198 -20.37 12.80 0.53
N ASN A 199 -19.73 13.00 1.69
CA ASN A 199 -19.01 14.22 2.02
C ASN A 199 -17.55 13.99 1.68
N VAL A 200 -17.01 14.88 0.84
CA VAL A 200 -15.66 14.74 0.32
C VAL A 200 -14.80 15.91 0.70
N LEU A 201 -13.63 15.63 1.26
CA LEU A 201 -12.68 16.69 1.54
C LEU A 201 -11.55 16.61 0.50
N ILE A 202 -11.31 17.72 -0.21
CA ILE A 202 -10.23 17.82 -1.19
C ILE A 202 -9.13 18.63 -0.53
N PHE A 203 -7.95 18.02 -0.36
CA PHE A 203 -6.80 18.65 0.29
C PHE A 203 -5.77 18.92 -0.83
N ASP A 204 -5.75 20.16 -1.34
CA ASP A 204 -4.94 20.61 -2.48
C ASP A 204 -3.74 21.49 -2.06
N LEU A 205 -2.55 20.89 -1.97
CA LEU A 205 -1.35 21.59 -1.57
C LEU A 205 -0.28 21.55 -2.68
N GLY A 206 -0.11 22.68 -3.37
CA GLY A 206 0.86 22.79 -4.47
C GLY A 206 2.20 23.42 -4.08
N GLY A 207 2.81 24.09 -5.05
CA GLY A 207 4.08 24.80 -4.84
C GLY A 207 3.93 26.16 -4.19
N GLY A 208 2.79 26.79 -4.44
CA GLY A 208 2.51 28.12 -3.90
C GLY A 208 1.07 28.38 -3.47
N THR A 209 0.20 27.35 -3.44
CA THR A 209 -1.22 27.52 -3.02
C THR A 209 -1.73 26.35 -2.17
N PHE A 210 -2.60 26.63 -1.18
CA PHE A 210 -3.22 25.63 -0.33
C PHE A 210 -4.72 25.87 -0.36
N ASP A 211 -5.47 24.89 -0.88
CA ASP A 211 -6.93 24.99 -0.98
C ASP A 211 -7.57 23.75 -0.41
N VAL A 212 -8.45 23.94 0.56
CA VAL A 212 -9.25 22.87 1.14
C VAL A 212 -10.69 23.10 0.61
N SER A 213 -11.35 22.05 0.11
CA SER A 213 -12.73 22.14 -0.34
C SER A 213 -13.52 21.00 0.25
N ILE A 214 -14.73 21.30 0.72
CA ILE A 214 -15.63 20.25 1.16
C ILE A 214 -16.78 20.21 0.17
N LEU A 215 -17.05 19.02 -0.38
CA LEU A 215 -18.15 18.81 -1.33
C LEU A 215 -19.10 17.78 -0.78
N THR A 216 -20.38 17.89 -1.15
CA THR A 216 -21.34 16.84 -0.88
C THR A 216 -21.79 16.35 -2.24
N ILE A 217 -21.78 15.02 -2.42
CA ILE A 217 -22.19 14.38 -3.67
C ILE A 217 -23.47 13.65 -3.34
N GLU A 218 -24.58 14.04 -3.96
CA GLU A 218 -25.85 13.40 -3.72
C GLU A 218 -26.52 13.18 -5.05
N ASP A 219 -26.74 11.89 -5.39
CA ASP A 219 -27.36 11.47 -6.64
C ASP A 219 -26.65 12.08 -7.87
N GLY A 220 -25.32 12.03 -7.86
CA GLY A 220 -24.47 12.55 -8.94
C GLY A 220 -24.32 14.06 -9.03
N ILE A 221 -24.97 14.82 -8.12
CA ILE A 221 -24.87 16.27 -8.09
C ILE A 221 -23.81 16.67 -7.05
N PHE A 222 -22.88 17.56 -7.44
CA PHE A 222 -21.84 18.08 -6.57
C PHE A 222 -22.27 19.44 -6.07
N GLU A 223 -22.19 19.64 -4.76
CA GLU A 223 -22.49 20.90 -4.10
C GLU A 223 -21.23 21.22 -3.30
N VAL A 224 -20.69 22.43 -3.50
CA VAL A 224 -19.52 22.92 -2.76
C VAL A 224 -20.08 23.42 -1.44
N LYS A 225 -19.72 22.77 -0.34
CA LYS A 225 -20.22 23.18 0.97
C LYS A 225 -19.40 24.30 1.60
N SER A 226 -18.07 24.26 1.41
CA SER A 226 -17.14 25.23 1.96
C SER A 226 -15.82 25.14 1.25
N THR A 227 -15.05 26.23 1.33
CA THR A 227 -13.70 26.37 0.80
C THR A 227 -12.91 27.11 1.88
N ALA A 228 -11.65 26.70 2.10
CA ALA A 228 -10.74 27.29 3.07
C ALA A 228 -9.33 27.11 2.49
N GLY A 229 -8.32 27.70 3.12
CA GLY A 229 -6.95 27.53 2.65
C GLY A 229 -6.03 28.66 3.00
N ASP A 230 -4.91 28.73 2.30
CA ASP A 230 -3.85 29.74 2.45
C ASP A 230 -3.33 29.97 1.02
N THR A 231 -3.60 31.15 0.46
CA THR A 231 -3.29 31.53 -0.93
C THR A 231 -1.80 31.50 -1.29
N HIS A 232 -0.88 31.63 -0.32
CA HIS A 232 0.53 31.63 -0.67
C HIS A 232 1.39 30.58 0.08
N LEU A 233 0.74 29.53 0.67
CA LEU A 233 1.44 28.42 1.35
C LEU A 233 1.57 27.27 0.40
N GLY A 234 2.78 26.77 0.26
CA GLY A 234 3.04 25.67 -0.65
C GLY A 234 4.44 25.13 -0.48
N GLY A 235 4.81 24.25 -1.39
CA GLY A 235 6.13 23.62 -1.44
C GLY A 235 7.32 24.55 -1.33
N GLU A 236 7.21 25.75 -1.92
CA GLU A 236 8.23 26.81 -1.92
C GLU A 236 8.60 27.24 -0.50
N ASP A 237 7.61 27.29 0.42
CA ASP A 237 7.84 27.63 1.83
C ASP A 237 8.70 26.58 2.53
N PHE A 238 8.51 25.30 2.15
CA PHE A 238 9.27 24.19 2.74
C PHE A 238 10.71 24.22 2.24
N ASP A 239 10.91 24.61 0.98
CA ASP A 239 12.23 24.79 0.38
C ASP A 239 12.93 25.93 1.09
N ASN A 240 12.20 27.00 1.41
CA ASN A 240 12.77 28.15 2.11
C ASN A 240 13.33 27.75 3.47
N ARG A 241 12.59 26.91 4.21
CA ARG A 241 13.05 26.43 5.52
C ARG A 241 14.34 25.61 5.39
N MET A 242 14.44 24.79 4.34
CA MET A 242 15.63 23.96 4.09
C MET A 242 16.83 24.82 3.73
N VAL A 243 16.63 25.86 2.91
CA VAL A 243 17.68 26.83 2.51
C VAL A 243 18.20 27.57 3.78
N ASN A 244 17.28 28.04 4.63
CA ASN A 244 17.65 28.74 5.87
C ASN A 244 18.49 27.84 6.78
N HIS A 245 18.09 26.55 6.89
CA HIS A 245 18.81 25.53 7.63
C HIS A 245 20.24 25.36 7.11
N PHE A 246 20.39 25.30 5.78
CA PHE A 246 21.71 25.08 5.20
C PHE A 246 22.60 26.33 5.19
N ILE A 247 22.01 27.53 5.04
CA ILE A 247 22.77 28.79 5.13
C ILE A 247 23.35 28.89 6.57
N ALA A 248 22.52 28.54 7.58
CA ALA A 248 22.94 28.56 8.99
C ALA A 248 24.05 27.51 9.24
N GLU A 249 23.90 26.31 8.67
CA GLU A 249 24.90 25.26 8.80
C GLU A 249 26.24 25.69 8.18
N PHE A 250 26.22 26.36 7.01
CA PHE A 250 27.46 26.84 6.35
C PHE A 250 28.13 27.94 7.23
N LYS A 251 27.32 28.80 7.85
CA LYS A 251 27.84 29.82 8.79
C LYS A 251 28.53 29.12 9.98
N ARG A 252 27.92 28.07 10.56
CA ARG A 252 28.49 27.35 11.71
C ARG A 252 29.78 26.62 11.34
N LYS A 253 29.78 25.92 10.20
CA LYS A 253 30.95 25.18 9.73
C LYS A 253 32.09 26.05 9.20
N HIS A 254 31.76 27.12 8.45
CA HIS A 254 32.79 27.90 7.75
C HIS A 254 32.90 29.38 8.13
N LYS A 255 31.99 29.86 9.00
CA LYS A 255 31.96 31.28 9.44
C LYS A 255 31.85 32.22 8.24
N LYS A 256 31.10 31.76 7.23
CA LYS A 256 30.88 32.51 6.00
C LYS A 256 29.42 32.54 5.68
N ASP A 257 28.95 33.71 5.26
CA ASP A 257 27.57 33.96 4.89
C ASP A 257 27.46 33.93 3.37
N ILE A 258 26.78 32.92 2.83
CA ILE A 258 26.59 32.79 1.38
C ILE A 258 25.35 33.55 0.85
N SER A 259 24.49 34.06 1.76
CA SER A 259 23.16 34.61 1.43
C SER A 259 23.13 35.82 0.46
N GLU A 260 24.22 36.56 0.28
CA GLU A 260 24.21 37.68 -0.69
C GLU A 260 24.72 37.25 -2.07
N ASN A 261 25.16 35.99 -2.22
CA ASN A 261 25.63 35.48 -3.50
C ASN A 261 24.46 34.75 -4.12
N LYS A 262 23.78 35.42 -5.09
CA LYS A 262 22.54 34.88 -5.71
C LYS A 262 22.71 33.52 -6.35
N ARG A 263 23.84 33.28 -7.03
CA ARG A 263 24.13 32.01 -7.67
C ARG A 263 24.32 30.89 -6.66
N ALA A 264 25.04 31.15 -5.54
CA ALA A 264 25.27 30.14 -4.49
C ALA A 264 23.94 29.77 -3.83
N VAL A 265 23.09 30.78 -3.53
CA VAL A 265 21.75 30.53 -2.98
C VAL A 265 20.89 29.73 -3.97
N ARG A 266 20.98 30.06 -5.28
CA ARG A 266 20.16 29.33 -6.26
C ARG A 266 20.59 27.86 -6.33
N ARG A 267 21.92 27.60 -6.34
CA ARG A 267 22.45 26.24 -6.39
C ARG A 267 21.96 25.45 -5.18
N LEU A 268 22.04 26.07 -4.01
CA LEU A 268 21.56 25.47 -2.77
C LEU A 268 20.03 25.23 -2.83
N ARG A 269 19.23 26.23 -3.28
CA ARG A 269 17.76 26.10 -3.38
CA ARG A 269 17.77 26.10 -3.38
C ARG A 269 17.37 24.94 -4.30
N THR A 270 18.01 24.84 -5.48
CA THR A 270 17.73 23.76 -6.43
C THR A 270 18.02 22.39 -5.80
N ALA A 271 19.15 22.26 -5.05
CA ALA A 271 19.53 21.00 -4.41
C ALA A 271 18.52 20.67 -3.30
N CYS A 272 18.06 21.67 -2.55
CA CYS A 272 17.03 21.54 -1.50
C CYS A 272 15.72 21.01 -2.01
N GLU A 273 15.22 21.60 -3.10
CA GLU A 273 13.93 21.16 -3.69
C GLU A 273 13.99 19.68 -4.08
N ARG A 274 15.12 19.27 -4.68
CA ARG A 274 15.37 17.90 -5.11
C ARG A 274 15.50 16.96 -3.92
N ALA A 275 16.25 17.39 -2.86
CA ALA A 275 16.42 16.61 -1.62
C ALA A 275 15.06 16.41 -0.94
N LYS A 276 14.19 17.44 -0.96
CA LYS A 276 12.85 17.37 -0.38
C LYS A 276 12.04 16.27 -1.07
N ARG A 277 12.11 16.21 -2.44
CA ARG A 277 11.39 15.16 -3.16
C ARG A 277 11.91 13.77 -2.74
N THR A 278 13.24 13.63 -2.61
CA THR A 278 13.89 12.38 -2.17
C THR A 278 13.33 11.94 -0.79
N LEU A 279 13.14 12.90 0.12
CA LEU A 279 12.66 12.67 1.48
C LEU A 279 11.22 12.16 1.57
N SER A 280 10.44 12.21 0.46
CA SER A 280 9.08 11.66 0.43
C SER A 280 9.11 10.13 0.23
N SER A 281 10.23 9.59 -0.25
CA SER A 281 10.32 8.15 -0.45
C SER A 281 11.56 7.50 0.24
N SER A 282 12.46 8.32 0.79
CA SER A 282 13.66 7.90 1.55
C SER A 282 13.72 8.67 2.85
N THR A 283 14.42 8.14 3.86
CA THR A 283 14.49 8.78 5.16
C THR A 283 15.67 9.73 5.27
N GLN A 284 16.55 9.77 4.25
CA GLN A 284 17.69 10.66 4.22
C GLN A 284 18.00 11.09 2.79
N ALA A 285 18.56 12.31 2.61
CA ALA A 285 18.98 12.83 1.31
C ALA A 285 20.35 13.46 1.43
N SER A 286 21.23 13.19 0.45
CA SER A 286 22.57 13.77 0.46
C SER A 286 22.69 14.84 -0.61
N ILE A 287 23.46 15.87 -0.30
CA ILE A 287 23.74 17.00 -1.18
C ILE A 287 25.25 17.21 -1.23
N GLU A 288 25.82 17.28 -2.46
CA GLU A 288 27.22 17.58 -2.71
C GLU A 288 27.30 18.72 -3.74
N ILE A 289 27.75 19.89 -3.30
CA ILE A 289 27.90 21.06 -4.14
C ILE A 289 29.34 21.52 -4.08
N ASP A 290 30.10 21.29 -5.15
CA ASP A 290 31.48 21.72 -5.22
C ASP A 290 31.55 23.24 -5.37
N SER A 291 32.53 23.85 -4.67
CA SER A 291 32.82 25.27 -4.77
C SER A 291 31.55 26.13 -4.70
N LEU A 292 30.69 25.85 -3.69
CA LEU A 292 29.44 26.58 -3.44
C LEU A 292 29.73 28.08 -3.23
N TYR A 293 30.70 28.40 -2.34
CA TYR A 293 30.99 29.77 -1.98
C TYR A 293 32.44 29.92 -1.58
N GLU A 294 33.14 30.89 -2.19
CA GLU A 294 34.57 31.18 -2.01
C GLU A 294 35.42 29.92 -2.10
N GLY A 295 35.08 29.06 -3.07
CA GLY A 295 35.80 27.82 -3.37
C GLY A 295 35.54 26.68 -2.42
N ILE A 296 34.68 26.88 -1.41
CA ILE A 296 34.35 25.84 -0.41
C ILE A 296 33.30 24.84 -0.92
N ASP A 297 33.67 23.56 -0.85
CA ASP A 297 32.80 22.44 -1.21
C ASP A 297 31.85 22.21 -0.08
N PHE A 298 30.55 22.01 -0.40
CA PHE A 298 29.54 21.80 0.63
C PHE A 298 28.96 20.41 0.51
N TYR A 299 29.41 19.50 1.39
CA TYR A 299 28.94 18.12 1.38
C TYR A 299 28.14 17.89 2.65
N THR A 300 26.85 17.64 2.49
CA THR A 300 25.98 17.51 3.66
C THR A 300 24.87 16.52 3.39
N SER A 301 23.97 16.39 4.37
CA SER A 301 22.83 15.51 4.29
C SER A 301 21.74 16.03 5.22
N ILE A 302 20.51 15.63 4.96
CA ILE A 302 19.36 15.97 5.80
C ILE A 302 18.50 14.70 5.94
N THR A 303 18.04 14.41 7.17
CA THR A 303 17.14 13.27 7.39
C THR A 303 15.70 13.75 7.19
N ARG A 304 14.76 12.84 6.97
CA ARG A 304 13.33 13.15 6.88
C ARG A 304 12.87 13.78 8.23
N ALA A 305 13.36 13.26 9.38
CA ALA A 305 12.99 13.79 10.69
C ALA A 305 13.36 15.28 10.84
N ARG A 306 14.57 15.67 10.39
CA ARG A 306 15.07 17.05 10.44
C ARG A 306 14.24 17.95 9.53
N PHE A 307 13.93 17.50 8.29
CA PHE A 307 13.08 18.23 7.35
C PHE A 307 11.70 18.49 7.97
N GLU A 308 11.13 17.48 8.64
CA GLU A 308 9.84 17.58 9.33
C GLU A 308 9.90 18.59 10.46
N GLU A 309 10.95 18.56 11.29
CA GLU A 309 11.16 19.52 12.39
C GLU A 309 11.26 20.96 11.87
N LEU A 310 12.02 21.18 10.77
CA LEU A 310 12.20 22.53 10.19
C LEU A 310 10.88 23.14 9.72
N ASN A 311 9.93 22.30 9.30
CA ASN A 311 8.65 22.72 8.76
C ASN A 311 7.45 22.37 9.66
N ALA A 312 7.68 21.97 10.93
CA ALA A 312 6.62 21.47 11.83
C ALA A 312 5.39 22.35 11.94
N ASP A 313 5.59 23.68 12.15
CA ASP A 313 4.50 24.68 12.27
C ASP A 313 3.71 24.81 10.96
N LEU A 314 4.39 24.76 9.81
CA LEU A 314 3.73 24.86 8.49
C LEU A 314 2.90 23.62 8.16
N PHE A 315 3.44 22.42 8.42
CA PHE A 315 2.74 21.14 8.19
C PHE A 315 1.52 21.04 9.12
N ARG A 316 1.71 21.40 10.40
CA ARG A 316 0.66 21.40 11.45
C ARG A 316 -0.44 22.40 11.09
N GLY A 317 -0.05 23.55 10.51
CA GLY A 317 -0.96 24.61 10.12
C GLY A 317 -1.89 24.24 8.98
N THR A 318 -1.59 23.15 8.24
CA THR A 318 -2.46 22.70 7.12
C THR A 318 -3.81 22.15 7.64
N LEU A 319 -3.90 21.81 8.94
CA LEU A 319 -5.15 21.30 9.55
C LEU A 319 -6.11 22.42 9.96
N ASP A 320 -5.58 23.67 10.19
CA ASP A 320 -6.42 24.82 10.54
C ASP A 320 -7.46 25.10 9.44
N PRO A 321 -7.11 25.26 8.12
CA PRO A 321 -8.18 25.41 7.09
C PRO A 321 -9.08 24.17 6.95
N VAL A 322 -8.59 22.96 7.29
CA VAL A 322 -9.42 21.75 7.28
C VAL A 322 -10.53 21.92 8.35
N GLU A 323 -10.17 22.34 9.58
CA GLU A 323 -11.15 22.55 10.65
C GLU A 323 -12.11 23.68 10.28
N LYS A 324 -11.59 24.77 9.66
CA LYS A 324 -12.38 25.93 9.22
C LYS A 324 -13.41 25.49 8.14
N ALA A 325 -12.99 24.68 7.16
CA ALA A 325 -13.87 24.14 6.11
C ALA A 325 -14.95 23.26 6.73
N LEU A 326 -14.58 22.39 7.69
CA LEU A 326 -15.54 21.52 8.39
C LEU A 326 -16.59 22.36 9.15
N ARG A 327 -16.14 23.40 9.88
CA ARG A 327 -16.98 24.35 10.62
C ARG A 327 -17.98 25.01 9.66
N ASP A 328 -17.48 25.56 8.54
CA ASP A 328 -18.27 26.25 7.52
C ASP A 328 -19.26 25.34 6.82
N ALA A 329 -18.92 24.04 6.62
CA ALA A 329 -19.80 23.05 5.98
C ALA A 329 -20.79 22.47 6.99
N LYS A 330 -20.63 22.83 8.30
CA LYS A 330 -21.49 22.35 9.40
C LYS A 330 -21.41 20.81 9.53
N LEU A 331 -20.19 20.26 9.42
CA LEU A 331 -19.93 18.82 9.50
C LEU A 331 -18.87 18.52 10.56
N ASP A 332 -18.93 17.31 11.11
CA ASP A 332 -17.96 16.80 12.08
C ASP A 332 -16.96 16.00 11.24
N LYS A 333 -15.71 15.94 11.66
CA LYS A 333 -14.67 15.22 10.91
C LYS A 333 -15.08 13.76 10.60
N SER A 334 -15.91 13.15 11.48
CA SER A 334 -16.41 11.79 11.32
C SER A 334 -17.42 11.63 10.16
N GLN A 335 -18.01 12.75 9.69
CA GLN A 335 -18.99 12.71 8.58
C GLN A 335 -18.30 12.80 7.19
N ILE A 336 -16.96 12.91 7.16
CA ILE A 336 -16.22 12.91 5.89
C ILE A 336 -16.05 11.45 5.42
N HIS A 337 -16.64 11.13 4.27
CA HIS A 337 -16.59 9.80 3.66
C HIS A 337 -15.32 9.58 2.82
N ASP A 338 -14.77 10.64 2.20
CA ASP A 338 -13.60 10.53 1.30
C ASP A 338 -12.67 11.69 1.45
N ILE A 339 -11.37 11.40 1.42
CA ILE A 339 -10.33 12.42 1.46
C ILE A 339 -9.50 12.26 0.19
N VAL A 340 -9.35 13.33 -0.57
CA VAL A 340 -8.61 13.32 -1.84
C VAL A 340 -7.38 14.22 -1.75
N LEU A 341 -6.22 13.71 -2.17
CA LEU A 341 -4.98 14.49 -2.18
C LEU A 341 -4.72 15.06 -3.57
N VAL A 342 -4.53 16.37 -3.65
CA VAL A 342 -4.21 17.10 -4.91
C VAL A 342 -2.96 17.96 -4.65
N GLY A 343 -2.10 18.13 -5.65
CA GLY A 343 -0.91 18.95 -5.53
C GLY A 343 0.32 18.14 -5.14
N GLY A 344 1.46 18.44 -5.78
CA GLY A 344 2.70 17.72 -5.51
C GLY A 344 3.17 17.67 -4.07
N SER A 345 2.84 18.71 -3.24
CA SER A 345 3.31 18.73 -1.85
C SER A 345 2.58 17.70 -0.96
N THR A 346 1.44 17.12 -1.44
CA THR A 346 0.71 16.10 -0.67
C THR A 346 1.48 14.79 -0.63
N ARG A 347 2.58 14.69 -1.39
CA ARG A 347 3.42 13.51 -1.39
C ARG A 347 4.23 13.43 -0.08
N ILE A 348 4.32 14.53 0.67
CA ILE A 348 5.06 14.56 1.95
C ILE A 348 4.42 13.62 2.97
N PRO A 349 5.17 12.56 3.41
CA PRO A 349 4.59 11.57 4.35
C PRO A 349 4.02 12.17 5.63
N LYS A 350 4.67 13.21 6.19
CA LYS A 350 4.20 13.85 7.42
C LYS A 350 2.87 14.56 7.19
N ILE A 351 2.68 15.18 6.03
CA ILE A 351 1.41 15.82 5.69
C ILE A 351 0.30 14.76 5.61
N GLN A 352 0.60 13.62 4.99
CA GLN A 352 -0.35 12.51 4.86
C GLN A 352 -0.65 11.93 6.23
N LYS A 353 0.37 11.77 7.09
CA LYS A 353 0.24 11.23 8.45
C LYS A 353 -0.67 12.12 9.33
N LEU A 354 -0.43 13.44 9.33
CA LEU A 354 -1.22 14.42 10.08
C LEU A 354 -2.69 14.40 9.67
N LEU A 355 -2.96 14.36 8.35
CA LEU A 355 -4.33 14.33 7.79
C LEU A 355 -5.02 13.00 8.11
N GLN A 356 -4.29 11.88 8.01
CA GLN A 356 -4.82 10.56 8.34
C GLN A 356 -5.11 10.41 9.84
N ASP A 357 -4.22 10.92 10.73
CA ASP A 357 -4.41 10.90 12.19
C ASP A 357 -5.58 11.77 12.58
N PHE A 358 -5.74 12.94 11.92
CA PHE A 358 -6.87 13.84 12.15
C PHE A 358 -8.18 13.12 11.83
N PHE A 359 -8.20 12.32 10.74
CA PHE A 359 -9.37 11.56 10.31
C PHE A 359 -9.39 10.12 10.88
N ASN A 360 -8.83 9.95 12.08
CA ASN A 360 -8.80 8.69 12.85
C ASN A 360 -8.39 7.45 12.04
N GLY A 361 -7.31 7.57 11.27
CA GLY A 361 -6.73 6.48 10.49
C GLY A 361 -7.38 6.15 9.16
N LYS A 362 -8.31 6.98 8.69
CA LYS A 362 -8.98 6.79 7.42
C LYS A 362 -8.01 6.85 6.24
N GLU A 363 -8.11 5.88 5.31
CA GLU A 363 -7.26 5.83 4.12
C GLU A 363 -7.51 7.04 3.23
N LEU A 364 -6.44 7.58 2.62
CA LEU A 364 -6.54 8.75 1.74
C LEU A 364 -6.57 8.30 0.30
N ASN A 365 -7.29 9.05 -0.58
CA ASN A 365 -7.30 8.80 -2.03
C ASN A 365 -6.09 9.53 -2.56
N LYS A 366 -5.06 8.74 -2.90
CA LYS A 366 -3.77 9.26 -3.30
C LYS A 366 -3.09 8.54 -4.46
N SER A 367 -3.69 7.44 -4.95
CA SER A 367 -3.12 6.59 -6.03
C SER A 367 -2.97 7.32 -7.36
N ILE A 368 -3.81 8.33 -7.61
CA ILE A 368 -3.69 9.13 -8.83
C ILE A 368 -2.64 10.19 -8.55
N ASN A 369 -1.70 10.37 -9.48
CA ASN A 369 -0.62 11.36 -9.38
C ASN A 369 -1.26 12.71 -8.95
N PRO A 370 -0.86 13.27 -7.78
CA PRO A 370 -1.54 14.48 -7.29
C PRO A 370 -1.44 15.73 -8.18
N ASP A 371 -0.44 15.78 -9.06
CA ASP A 371 -0.26 16.91 -10.00
C ASP A 371 -1.17 16.73 -11.21
N GLU A 372 -1.66 15.51 -11.41
CA GLU A 372 -2.46 15.14 -12.58
C GLU A 372 -3.93 14.86 -12.29
N ALA A 373 -4.32 14.68 -11.01
CA ALA A 373 -5.71 14.32 -10.63
C ALA A 373 -6.81 15.22 -11.22
N VAL A 374 -6.60 16.55 -11.23
CA VAL A 374 -7.55 17.54 -11.75
C VAL A 374 -7.73 17.40 -13.26
N ALA A 375 -6.62 17.31 -14.04
CA ALA A 375 -6.66 17.11 -15.48
C ALA A 375 -7.28 15.75 -15.79
N TYR A 376 -7.00 14.75 -14.93
CA TYR A 376 -7.54 13.40 -15.02
C TYR A 376 -9.07 13.44 -14.99
N GLY A 377 -9.64 14.08 -13.96
CA GLY A 377 -11.09 14.21 -13.81
C GLY A 377 -11.69 15.04 -14.93
N ALA A 378 -10.98 16.10 -15.38
CA ALA A 378 -11.45 16.93 -16.49
C ALA A 378 -11.54 16.11 -17.81
N ALA A 379 -10.60 15.20 -18.04
CA ALA A 379 -10.53 14.34 -19.24
C ALA A 379 -11.68 13.31 -19.19
N VAL A 380 -12.00 12.83 -17.96
CA VAL A 380 -13.15 11.93 -17.74
C VAL A 380 -14.43 12.71 -18.14
N GLN A 381 -14.58 13.97 -17.64
CA GLN A 381 -15.74 14.81 -17.96
C GLN A 381 -15.86 15.10 -19.46
N ALA A 382 -14.72 15.35 -20.12
CA ALA A 382 -14.64 15.65 -21.56
C ALA A 382 -15.15 14.48 -22.39
N ALA A 383 -14.75 13.24 -22.02
CA ALA A 383 -15.22 12.01 -22.68
C ALA A 383 -16.72 11.82 -22.48
N ILE A 384 -17.24 12.05 -21.26
CA ILE A 384 -18.68 11.94 -20.97
C ILE A 384 -19.48 12.92 -21.85
N LEU A 385 -18.96 14.15 -22.03
CA LEU A 385 -19.65 15.18 -22.84
C LEU A 385 -19.44 15.06 -24.37
N SER A 386 -18.59 14.11 -24.82
CA SER A 386 -18.32 13.87 -26.25
C SER A 386 -19.44 13.06 -26.92
N GLY B 4 45.41 0.42 -9.09
CA GLY B 4 44.27 0.92 -8.34
C GLY B 4 43.13 -0.07 -8.14
N SER B 5 42.00 0.41 -7.59
CA SER B 5 40.79 -0.39 -7.33
C SER B 5 39.59 0.22 -8.10
N ASN B 6 39.88 0.65 -9.35
CA ASN B 6 38.95 1.27 -10.30
C ASN B 6 37.77 0.36 -10.51
N SER B 7 36.58 0.89 -10.29
CA SER B 7 35.36 0.09 -10.33
C SER B 7 34.59 0.34 -11.63
N PRO B 8 33.84 -0.63 -12.17
CA PRO B 8 33.01 -0.33 -13.37
C PRO B 8 31.98 0.77 -13.11
N GLN B 9 31.47 0.90 -11.85
CA GLN B 9 30.48 1.89 -11.45
C GLN B 9 31.00 3.31 -11.63
N GLU B 10 32.30 3.54 -11.34
CA GLU B 10 32.88 4.86 -11.56
C GLU B 10 32.89 5.27 -13.04
N GLU B 11 33.00 4.30 -13.95
CA GLU B 11 32.94 4.57 -15.41
C GLU B 11 31.63 5.27 -15.79
N VAL B 12 30.52 4.91 -15.13
CA VAL B 12 29.20 5.52 -15.36
C VAL B 12 29.28 7.03 -14.97
N GLU B 13 29.88 7.35 -13.82
CA GLU B 13 29.98 8.74 -13.35
C GLU B 13 30.93 9.55 -14.22
N LEU B 14 32.07 8.93 -14.62
CA LEU B 14 33.04 9.57 -15.50
C LEU B 14 32.40 9.89 -16.85
N LYS B 15 31.59 8.96 -17.41
CA LYS B 15 30.88 9.18 -18.66
C LYS B 15 29.91 10.37 -18.54
N LYS B 16 29.15 10.48 -17.43
CA LYS B 16 28.22 11.60 -17.17
C LYS B 16 29.00 12.93 -17.15
N LEU B 17 30.14 12.96 -16.44
CA LEU B 17 31.00 14.13 -16.35
C LEU B 17 31.59 14.54 -17.70
N LYS B 18 31.94 13.55 -18.57
CA LYS B 18 32.45 13.80 -19.93
C LYS B 18 31.37 14.48 -20.79
N HIS B 19 30.11 14.03 -20.65
CA HIS B 19 28.97 14.60 -21.37
C HIS B 19 28.78 16.06 -20.95
N LEU B 20 28.91 16.32 -19.64
CA LEU B 20 28.83 17.68 -19.09
C LEU B 20 29.99 18.56 -19.55
N GLU B 21 31.21 17.98 -19.66
CA GLU B 21 32.39 18.71 -20.17
C GLU B 21 32.17 19.13 -21.64
N LYS B 22 31.58 18.24 -22.44
CA LYS B 22 31.26 18.52 -23.85
C LYS B 22 30.24 19.66 -23.92
N SER B 23 29.18 19.59 -23.08
CA SER B 23 28.14 20.63 -23.03
C SER B 23 28.75 21.99 -22.63
N VAL B 24 29.72 21.99 -21.67
CA VAL B 24 30.44 23.19 -21.22
C VAL B 24 31.25 23.78 -22.37
N GLU B 25 31.92 22.92 -23.15
CA GLU B 25 32.73 23.34 -24.31
C GLU B 25 31.89 24.08 -25.35
N LYS B 26 30.66 23.64 -25.58
CA LYS B 26 29.73 24.28 -26.53
C LYS B 26 29.37 25.71 -26.04
N ILE B 27 29.10 25.88 -24.73
CA ILE B 27 28.77 27.19 -24.13
C ILE B 27 30.00 28.08 -24.14
N ALA B 28 31.17 27.48 -23.85
CA ALA B 28 32.47 28.19 -23.85
C ALA B 28 32.80 28.78 -25.25
N ASP B 29 32.41 28.09 -26.33
CA ASP B 29 32.61 28.58 -27.70
C ASP B 29 31.73 29.82 -27.93
N GLN B 30 30.49 29.84 -27.37
CA GLN B 30 29.59 31.00 -27.47
C GLN B 30 30.23 32.18 -26.70
N LEU B 31 30.81 31.90 -25.51
CA LEU B 31 31.48 32.93 -24.69
C LEU B 31 32.70 33.49 -25.46
N GLU B 32 33.53 32.59 -26.03
CA GLU B 32 34.70 32.98 -26.83
C GLU B 32 34.32 33.99 -27.96
N GLU B 33 33.18 33.75 -28.67
CA GLU B 33 32.71 34.70 -29.69
C GLU B 33 32.27 36.03 -29.06
N LEU B 34 31.62 35.99 -27.86
CA LEU B 34 31.25 37.23 -27.15
C LEU B 34 32.50 38.02 -26.79
N ASN B 35 33.57 37.35 -26.26
CA ASN B 35 34.81 38.01 -25.90
C ASN B 35 35.49 38.67 -27.10
N LYS B 36 35.54 37.96 -28.26
CA LYS B 36 36.15 38.48 -29.49
C LYS B 36 35.36 39.70 -30.00
N GLU B 37 34.02 39.65 -29.94
CA GLU B 37 33.22 40.79 -30.40
C GLU B 37 33.38 41.95 -29.45
N LEU B 38 33.42 41.68 -28.12
CA LEU B 38 33.64 42.74 -27.12
C LEU B 38 34.99 43.41 -27.33
N THR B 39 36.06 42.61 -27.51
CA THR B 39 37.41 43.14 -27.79
C THR B 39 37.39 43.97 -29.10
N GLY B 40 36.68 43.45 -30.10
CA GLY B 40 36.53 44.10 -31.40
C GLY B 40 35.89 45.47 -31.34
N ILE B 41 34.89 45.65 -30.47
CA ILE B 41 34.21 46.94 -30.28
C ILE B 41 35.10 47.90 -29.49
N GLN B 42 35.72 47.42 -28.38
CA GLN B 42 36.61 48.22 -27.51
C GLN B 42 37.84 48.74 -28.24
N GLN B 43 38.40 47.93 -29.14
CA GLN B 43 39.63 48.27 -29.87
C GLN B 43 39.37 48.62 -31.36
N GLY B 44 38.10 48.68 -31.75
CA GLY B 44 37.70 48.93 -33.12
C GLY B 44 37.52 50.39 -33.50
N PHE B 45 37.05 50.59 -34.75
CA PHE B 45 36.93 51.88 -35.38
C PHE B 45 35.49 52.39 -35.51
N LEU B 46 34.57 51.95 -34.63
CA LEU B 46 33.22 52.48 -34.62
C LEU B 46 33.20 53.89 -33.96
N PRO B 47 32.29 54.81 -34.39
CA PRO B 47 32.11 56.08 -33.65
C PRO B 47 31.48 55.78 -32.27
N LYS B 48 31.66 56.67 -31.26
CA LYS B 48 31.20 56.51 -29.86
C LYS B 48 29.71 56.17 -29.60
N ASP B 49 28.74 56.82 -30.30
CA ASP B 49 27.32 56.56 -30.06
C ASP B 49 26.98 55.16 -30.53
N LEU B 50 27.64 54.76 -31.65
CA LEU B 50 27.45 53.45 -32.24
C LEU B 50 28.14 52.39 -31.40
N GLN B 51 29.20 52.77 -30.68
CA GLN B 51 29.94 51.88 -29.80
C GLN B 51 29.09 51.43 -28.60
N ALA B 52 28.39 52.38 -27.94
CA ALA B 52 27.49 52.10 -26.82
C ALA B 52 26.40 51.11 -27.26
N GLU B 53 25.74 51.39 -28.41
CA GLU B 53 24.71 50.53 -29.00
C GLU B 53 25.26 49.11 -29.29
N ALA B 54 26.40 49.03 -30.01
CA ALA B 54 27.05 47.75 -30.37
C ALA B 54 27.36 46.90 -29.12
N LEU B 55 27.82 47.54 -28.03
CA LEU B 55 28.12 46.90 -26.73
C LEU B 55 26.83 46.38 -26.07
N CYS B 56 25.76 47.22 -26.01
CA CYS B 56 24.51 46.79 -25.40
C CYS B 56 23.80 45.68 -26.22
N LYS B 57 24.12 45.52 -27.52
CA LYS B 57 23.53 44.43 -28.32
C LYS B 57 24.01 43.02 -27.87
N LEU B 58 25.12 42.95 -27.08
CA LEU B 58 25.65 41.70 -26.52
C LEU B 58 24.88 41.18 -25.27
N ASP B 59 24.03 42.00 -24.68
CA ASP B 59 23.31 41.70 -23.44
C ASP B 59 22.52 40.38 -23.46
N ARG B 60 21.66 40.20 -24.47
CA ARG B 60 20.84 39.01 -24.58
C ARG B 60 21.68 37.75 -24.60
N ARG B 61 22.72 37.73 -25.44
CA ARG B 61 23.59 36.58 -25.58
C ARG B 61 24.42 36.31 -24.33
N VAL B 62 24.91 37.35 -23.62
CA VAL B 62 25.72 37.11 -22.42
C VAL B 62 24.84 36.53 -21.29
N LYS B 63 23.60 37.03 -21.17
CA LYS B 63 22.64 36.56 -20.17
C LYS B 63 22.27 35.12 -20.48
N ALA B 64 22.11 34.76 -21.78
CA ALA B 64 21.79 33.39 -22.18
C ALA B 64 22.96 32.45 -21.85
N THR B 65 24.21 32.91 -22.07
CA THR B 65 25.43 32.18 -21.74
C THR B 65 25.54 31.93 -20.22
N ILE B 66 25.30 32.97 -19.39
CA ILE B 66 25.31 32.85 -17.92
C ILE B 66 24.30 31.77 -17.49
N GLU B 67 23.07 31.84 -18.02
CA GLU B 67 22.01 30.89 -17.68
C GLU B 67 22.37 29.45 -18.06
N GLN B 68 22.99 29.27 -19.22
CA GLN B 68 23.41 27.93 -19.66
C GLN B 68 24.48 27.35 -18.72
N PHE B 69 25.37 28.18 -18.24
CA PHE B 69 26.42 27.73 -17.29
C PHE B 69 25.80 27.37 -15.91
N MET B 70 24.79 28.14 -15.47
CA MET B 70 24.09 27.91 -14.21
C MET B 70 23.34 26.58 -14.25
N LYS B 71 22.73 26.27 -15.41
CA LYS B 71 22.02 25.01 -15.60
C LYS B 71 23.00 23.85 -15.54
N ILE B 72 24.20 24.02 -16.12
CA ILE B 72 25.27 23.02 -16.04
C ILE B 72 25.65 22.76 -14.58
N LEU B 73 25.87 23.82 -13.78
CA LEU B 73 26.23 23.68 -12.36
C LEU B 73 25.17 22.91 -11.58
N GLU B 74 23.87 23.16 -11.89
CA GLU B 74 22.75 22.49 -11.22
C GLU B 74 22.71 21.00 -11.55
N GLU B 75 23.07 20.65 -12.80
CA GLU B 75 23.15 19.27 -13.23
C GLU B 75 24.36 18.59 -12.55
N ILE B 76 25.50 19.29 -12.46
CA ILE B 76 26.69 18.73 -11.76
C ILE B 76 26.34 18.47 -10.27
N ASP B 77 25.56 19.38 -9.68
CA ASP B 77 25.14 19.32 -8.29
C ASP B 77 24.20 18.14 -7.97
N THR B 78 23.74 17.39 -8.98
CA THR B 78 22.90 16.20 -8.75
C THR B 78 23.79 14.96 -8.47
N LEU B 79 25.09 15.04 -8.79
CA LEU B 79 26.03 13.92 -8.59
C LEU B 79 26.35 13.69 -7.13
N ILE B 80 26.44 12.42 -6.74
CA ILE B 80 26.88 11.97 -5.41
C ILE B 80 28.05 11.06 -5.69
N LEU B 81 29.25 11.48 -5.29
CA LEU B 81 30.44 10.66 -5.59
C LEU B 81 31.11 10.18 -4.33
N PRO B 82 31.10 8.86 -4.06
CA PRO B 82 31.80 8.35 -2.84
C PRO B 82 33.26 8.76 -2.82
N GLU B 83 33.87 8.91 -1.63
CA GLU B 83 35.26 9.36 -1.51
C GLU B 83 36.26 8.44 -2.24
N ASN B 84 35.90 7.16 -2.40
CA ASN B 84 36.71 6.20 -3.13
C ASN B 84 36.78 6.51 -4.64
N PHE B 85 35.77 7.22 -5.14
CA PHE B 85 35.72 7.61 -6.54
C PHE B 85 36.57 8.87 -6.69
N LYS B 86 37.87 8.71 -6.50
CA LYS B 86 38.79 9.85 -6.57
C LYS B 86 38.87 10.55 -7.92
N ASP B 87 38.94 9.78 -9.01
CA ASP B 87 39.04 10.37 -10.32
C ASP B 87 37.79 11.19 -10.67
N SER B 88 36.63 10.67 -10.31
CA SER B 88 35.38 11.37 -10.55
C SER B 88 35.30 12.68 -9.78
N ARG B 89 35.74 12.64 -8.53
CA ARG B 89 35.73 13.83 -7.69
C ARG B 89 36.66 14.90 -8.23
N LEU B 90 37.84 14.49 -8.67
CA LEU B 90 38.81 15.41 -9.26
CA LEU B 90 38.80 15.44 -9.25
C LEU B 90 38.23 16.05 -10.52
N LYS B 91 37.63 15.25 -11.38
CA LYS B 91 37.00 15.67 -12.64
C LYS B 91 35.82 16.62 -12.34
N ARG B 92 34.99 16.30 -11.33
CA ARG B 92 33.86 17.15 -10.94
C ARG B 92 34.36 18.53 -10.45
N LYS B 93 35.39 18.54 -9.57
CA LYS B 93 35.99 19.74 -9.03
C LYS B 93 36.58 20.62 -10.14
N GLY B 94 37.35 20.01 -11.04
CA GLY B 94 37.95 20.71 -12.18
C GLY B 94 36.88 21.33 -13.07
N LEU B 95 35.78 20.59 -13.34
CA LEU B 95 34.69 21.09 -14.19
C LEU B 95 33.93 22.26 -13.57
N VAL B 96 33.62 22.19 -12.28
CA VAL B 96 32.95 23.29 -11.56
C VAL B 96 33.84 24.58 -11.60
N LYS B 97 35.14 24.43 -11.35
CA LYS B 97 36.09 25.56 -11.33
C LYS B 97 36.20 26.17 -12.72
N LYS B 98 36.19 25.34 -13.77
CA LYS B 98 36.23 25.79 -15.16
C LYS B 98 34.95 26.61 -15.47
N VAL B 99 33.76 26.12 -15.05
CA VAL B 99 32.47 26.81 -15.27
C VAL B 99 32.45 28.13 -14.52
N GLN B 100 32.93 28.14 -13.26
CA GLN B 100 33.00 29.36 -12.46
C GLN B 100 33.94 30.41 -13.04
N ALA B 101 35.08 29.99 -13.63
CA ALA B 101 36.00 30.91 -14.29
C ALA B 101 35.30 31.51 -15.54
N PHE B 102 34.52 30.69 -16.29
CA PHE B 102 33.75 31.15 -17.44
C PHE B 102 32.66 32.11 -17.01
N LEU B 103 32.00 31.86 -15.85
CA LEU B 103 30.98 32.77 -15.31
C LEU B 103 31.57 34.11 -14.93
N ALA B 104 32.81 34.12 -14.37
CA ALA B 104 33.53 35.35 -14.01
C ALA B 104 33.84 36.13 -15.32
N GLU B 105 34.14 35.44 -16.44
CA GLU B 105 34.38 36.14 -17.73
C GLU B 105 33.08 36.75 -18.26
N CYS B 106 31.95 36.03 -18.07
CA CYS B 106 30.61 36.53 -18.44
C CYS B 106 30.33 37.82 -17.64
N ASP B 107 30.66 37.82 -16.33
CA ASP B 107 30.43 38.97 -15.44
C ASP B 107 31.24 40.18 -15.90
N THR B 108 32.46 39.93 -16.39
CA THR B 108 33.35 40.95 -16.96
C THR B 108 32.68 41.58 -18.19
N VAL B 109 32.12 40.73 -19.09
CA VAL B 109 31.38 41.20 -20.29
C VAL B 109 30.22 42.12 -19.84
N GLU B 110 29.45 41.67 -18.84
CA GLU B 110 28.33 42.45 -18.28
C GLU B 110 28.78 43.79 -17.71
N GLN B 111 30.00 43.87 -17.13
CA GLN B 111 30.55 45.12 -16.57
C GLN B 111 30.97 46.10 -17.67
N ASN B 112 31.14 45.62 -18.90
CA ASN B 112 31.61 46.44 -20.03
C ASN B 112 30.53 46.81 -21.04
N ILE B 113 29.29 46.39 -20.78
CA ILE B 113 28.20 46.67 -21.73
C ILE B 113 27.03 47.29 -20.99
N CYS B 114 26.17 48.03 -21.73
CA CYS B 114 24.94 48.66 -21.19
C CYS B 114 25.22 49.56 -19.95
N GLN B 115 26.45 50.11 -19.87
CA GLN B 115 26.86 51.00 -18.77
C GLN B 115 26.25 52.38 -18.96
N GLU B 116 26.04 53.10 -17.85
CA GLU B 116 25.45 54.44 -17.86
C GLU B 116 26.24 55.38 -16.97
N MET C 6 -15.81 -31.14 -19.61
CA MET C 6 -16.28 -32.05 -18.58
C MET C 6 -17.80 -32.20 -18.59
N SER C 7 -18.27 -33.42 -18.24
CA SER C 7 -19.68 -33.80 -18.10
C SER C 7 -20.21 -33.18 -16.77
N LYS C 8 -21.54 -33.05 -16.63
CA LYS C 8 -22.18 -32.50 -15.42
C LYS C 8 -22.12 -33.51 -14.29
N GLY C 9 -21.63 -33.08 -13.14
CA GLY C 9 -21.46 -33.91 -11.96
C GLY C 9 -22.58 -33.85 -10.95
N PRO C 10 -22.42 -34.60 -9.83
CA PRO C 10 -23.47 -34.59 -8.80
C PRO C 10 -23.43 -33.34 -7.93
N ALA C 11 -24.40 -33.22 -7.03
CA ALA C 11 -24.50 -32.14 -6.07
C ALA C 11 -23.59 -32.49 -4.90
N VAL C 12 -22.96 -31.48 -4.30
CA VAL C 12 -22.04 -31.69 -3.20
C VAL C 12 -22.51 -31.01 -1.91
N GLY C 13 -21.88 -31.36 -0.80
CA GLY C 13 -22.16 -30.75 0.50
C GLY C 13 -20.93 -30.02 0.97
N ILE C 14 -21.08 -28.74 1.36
CA ILE C 14 -19.96 -27.92 1.80
C ILE C 14 -20.17 -27.37 3.21
N ASP C 15 -19.23 -27.67 4.07
CA ASP C 15 -19.21 -27.12 5.41
C ASP C 15 -18.26 -25.93 5.26
N LEU C 16 -18.81 -24.71 5.21
CA LEU C 16 -18.01 -23.50 5.07
C LEU C 16 -17.68 -23.07 6.50
N GLY C 17 -16.52 -23.51 6.97
CA GLY C 17 -16.12 -23.27 8.36
C GLY C 17 -15.36 -22.01 8.62
N THR C 18 -15.31 -21.62 9.89
CA THR C 18 -14.57 -20.45 10.35
C THR C 18 -13.08 -20.54 9.99
N THR C 19 -12.41 -21.65 10.35
CA THR C 19 -10.99 -21.82 10.11
C THR C 19 -10.71 -22.80 8.95
N TYR C 20 -11.52 -23.87 8.83
CA TYR C 20 -11.39 -24.88 7.78
C TYR C 20 -12.73 -25.18 7.13
N SER C 21 -12.71 -25.51 5.84
CA SER C 21 -13.90 -25.89 5.11
C SER C 21 -13.72 -27.34 4.63
N CYS C 22 -14.84 -28.03 4.41
CA CYS C 22 -14.82 -29.44 4.05
C CYS C 22 -15.90 -29.69 2.99
N VAL C 23 -15.57 -30.49 1.94
CA VAL C 23 -16.55 -30.81 0.90
C VAL C 23 -16.71 -32.35 0.78
N GLY C 24 -17.96 -32.77 0.69
CA GLY C 24 -18.34 -34.17 0.54
C GLY C 24 -19.24 -34.42 -0.65
N VAL C 25 -19.29 -35.68 -1.09
CA VAL C 25 -20.17 -36.11 -2.18
C VAL C 25 -20.75 -37.50 -1.86
N PHE C 26 -22.07 -37.65 -2.04
CA PHE C 26 -22.73 -38.93 -1.81
C PHE C 26 -22.70 -39.65 -3.15
N GLN C 27 -21.98 -40.77 -3.19
CA GLN C 27 -21.83 -41.59 -4.42
C GLN C 27 -21.70 -43.06 -4.04
N HIS C 28 -22.31 -43.94 -4.86
CA HIS C 28 -22.28 -45.40 -4.69
C HIS C 28 -22.74 -45.80 -3.27
N GLY C 29 -23.84 -45.21 -2.84
CA GLY C 29 -24.46 -45.45 -1.54
C GLY C 29 -23.69 -45.00 -0.31
N LYS C 30 -22.69 -44.11 -0.46
CA LYS C 30 -21.90 -43.59 0.67
C LYS C 30 -21.32 -42.20 0.44
N VAL C 31 -20.95 -41.53 1.54
CA VAL C 31 -20.34 -40.21 1.49
C VAL C 31 -18.82 -40.33 1.35
N GLU C 32 -18.27 -39.62 0.36
CA GLU C 32 -16.84 -39.51 0.18
C GLU C 32 -16.49 -38.05 0.52
N ILE C 33 -15.65 -37.87 1.56
CA ILE C 33 -15.14 -36.56 1.96
C ILE C 33 -13.95 -36.36 1.03
N ILE C 34 -13.97 -35.27 0.23
CA ILE C 34 -12.99 -35.04 -0.84
C ILE C 34 -11.70 -34.36 -0.38
N ALA C 35 -10.56 -35.01 -0.67
CA ALA C 35 -9.24 -34.47 -0.40
C ALA C 35 -8.93 -33.37 -1.44
N ASN C 36 -8.26 -32.27 -1.00
CA ASN C 36 -7.87 -31.17 -1.87
C ASN C 36 -6.58 -31.52 -2.64
N ASP C 37 -6.05 -30.58 -3.42
CA ASP C 37 -4.84 -30.80 -4.23
C ASP C 37 -3.61 -31.17 -3.38
N GLN C 38 -3.59 -30.86 -2.07
CA GLN C 38 -2.49 -31.23 -1.17
C GLN C 38 -2.79 -32.55 -0.38
N GLY C 39 -3.88 -33.21 -0.72
CA GLY C 39 -4.30 -34.45 -0.07
C GLY C 39 -4.99 -34.23 1.26
N ASN C 40 -5.41 -32.98 1.55
CA ASN C 40 -6.05 -32.67 2.82
C ASN C 40 -7.56 -32.72 2.69
N ARG C 41 -8.23 -33.37 3.67
CA ARG C 41 -9.69 -33.55 3.71
C ARG C 41 -10.42 -32.31 4.23
N THR C 42 -9.69 -31.34 4.78
CA THR C 42 -10.19 -30.01 5.14
C THR C 42 -9.28 -29.00 4.45
N THR C 43 -9.81 -27.82 4.13
CA THR C 43 -9.07 -26.75 3.47
C THR C 43 -9.15 -25.48 4.33
N PRO C 44 -8.02 -24.82 4.68
CA PRO C 44 -8.12 -23.58 5.46
C PRO C 44 -8.99 -22.53 4.74
N SER C 45 -9.90 -21.88 5.50
CA SER C 45 -10.77 -20.82 5.01
C SER C 45 -9.95 -19.52 4.99
N TYR C 46 -8.85 -19.55 4.22
CA TYR C 46 -7.85 -18.48 4.11
C TYR C 46 -7.73 -17.97 2.70
N VAL C 47 -7.54 -16.64 2.57
CA VAL C 47 -7.32 -15.97 1.30
C VAL C 47 -6.16 -15.00 1.51
N ALA C 48 -5.13 -15.11 0.68
CA ALA C 48 -3.94 -14.25 0.76
C ALA C 48 -3.79 -13.39 -0.50
N PHE C 49 -3.38 -12.13 -0.31
CA PHE C 49 -3.16 -11.16 -1.38
C PHE C 49 -1.70 -10.79 -1.35
N THR C 50 -1.02 -11.02 -2.46
CA THR C 50 0.43 -10.80 -2.51
C THR C 50 0.75 -9.72 -3.52
N ASP C 51 2.05 -9.50 -3.75
CA ASP C 51 2.55 -8.53 -4.73
C ASP C 51 2.20 -8.96 -6.14
N THR C 52 1.94 -10.28 -6.36
CA THR C 52 1.69 -10.82 -7.71
C THR C 52 0.43 -11.68 -7.87
N GLU C 53 -0.06 -12.29 -6.79
CA GLU C 53 -1.23 -13.17 -6.92
C GLU C 53 -2.15 -13.22 -5.69
N ARG C 54 -3.26 -13.95 -5.85
CA ARG C 54 -4.25 -14.23 -4.83
C ARG C 54 -4.14 -15.74 -4.56
N LEU C 55 -3.96 -16.12 -3.28
CA LEU C 55 -3.84 -17.52 -2.87
C LEU C 55 -5.01 -17.91 -1.99
N ILE C 56 -5.53 -19.15 -2.16
CA ILE C 56 -6.67 -19.64 -1.38
C ILE C 56 -6.33 -21.02 -0.78
N GLY C 57 -6.75 -21.22 0.46
CA GLY C 57 -6.63 -22.50 1.12
C GLY C 57 -5.29 -22.74 1.76
N ASP C 58 -4.76 -23.95 1.55
CA ASP C 58 -3.45 -24.36 2.08
C ASP C 58 -2.35 -23.40 1.63
N ALA C 59 -2.33 -22.99 0.34
CA ALA C 59 -1.30 -22.05 -0.17
C ALA C 59 -1.36 -20.71 0.55
N ALA C 60 -2.57 -20.26 0.96
CA ALA C 60 -2.72 -19.01 1.71
C ALA C 60 -2.26 -19.21 3.18
N LYS C 61 -2.73 -20.27 3.87
CA LYS C 61 -2.31 -20.54 5.24
C LYS C 61 -0.77 -20.75 5.35
N ASN C 62 -0.17 -21.41 4.36
CA ASN C 62 1.26 -21.70 4.35
C ASN C 62 2.16 -20.46 4.34
N GLN C 63 1.66 -19.30 3.89
CA GLN C 63 2.46 -18.06 3.86
C GLN C 63 1.96 -17.00 4.87
N VAL C 64 1.10 -17.38 5.83
CA VAL C 64 0.53 -16.46 6.80
C VAL C 64 1.65 -15.77 7.64
N ALA C 65 2.68 -16.52 8.09
CA ALA C 65 3.80 -15.98 8.87
C ALA C 65 4.63 -14.95 8.07
N MET C 66 4.69 -15.11 6.74
CA MET C 66 5.42 -14.23 5.83
C MET C 66 4.64 -12.97 5.43
N ASN C 67 3.32 -13.04 5.40
CA ASN C 67 2.49 -11.94 4.91
C ASN C 67 1.25 -11.83 5.83
N PRO C 68 1.36 -11.52 7.15
CA PRO C 68 0.18 -11.51 8.03
C PRO C 68 -0.90 -10.46 7.77
N THR C 69 -0.52 -9.24 7.37
CA THR C 69 -1.51 -8.17 7.18
C THR C 69 -2.36 -8.34 5.92
N ASN C 70 -1.92 -9.19 4.97
CA ASN C 70 -2.67 -9.37 3.71
C ASN C 70 -3.25 -10.79 3.54
N THR C 71 -3.25 -11.58 4.63
CA THR C 71 -3.79 -12.93 4.69
C THR C 71 -5.06 -12.91 5.55
N VAL C 72 -6.21 -12.99 4.89
CA VAL C 72 -7.53 -12.94 5.48
C VAL C 72 -8.01 -14.34 5.87
N PHE C 73 -8.61 -14.43 7.05
CA PHE C 73 -9.21 -15.65 7.59
C PHE C 73 -10.34 -15.16 8.48
N ASP C 74 -11.19 -16.06 8.97
CA ASP C 74 -12.27 -15.68 9.88
C ASP C 74 -13.36 -14.81 9.24
N ALA C 75 -13.45 -14.81 7.92
CA ALA C 75 -14.49 -14.00 7.22
C ALA C 75 -15.89 -14.40 7.68
N LYS C 76 -16.03 -15.64 8.19
CA LYS C 76 -17.31 -16.17 8.71
C LYS C 76 -17.74 -15.42 9.97
N ARG C 77 -16.76 -14.94 10.75
CA ARG C 77 -17.02 -14.15 11.96
C ARG C 77 -17.55 -12.74 11.58
N LEU C 78 -17.39 -12.33 10.30
CA LEU C 78 -17.84 -11.04 9.77
C LEU C 78 -19.06 -11.10 8.86
N ILE C 79 -19.23 -12.22 8.12
CA ILE C 79 -20.26 -12.36 7.10
C ILE C 79 -21.69 -12.02 7.62
N GLY C 80 -22.33 -11.13 6.88
CA GLY C 80 -23.68 -10.66 7.18
C GLY C 80 -23.81 -9.77 8.41
N ARG C 81 -22.70 -9.39 9.04
CA ARG C 81 -22.75 -8.52 10.23
C ARG C 81 -22.56 -7.08 9.86
N ARG C 82 -23.02 -6.17 10.73
CA ARG C 82 -22.81 -4.73 10.60
C ARG C 82 -21.44 -4.42 11.17
N PHE C 83 -20.80 -3.31 10.75
CA PHE C 83 -19.47 -2.95 11.23
C PHE C 83 -19.44 -2.73 12.75
N ASP C 84 -20.51 -2.12 13.29
CA ASP C 84 -20.59 -1.75 14.70
C ASP C 84 -21.05 -2.88 15.60
N ASP C 85 -21.26 -4.08 15.03
CA ASP C 85 -21.63 -5.27 15.80
C ASP C 85 -20.53 -5.53 16.84
N ALA C 86 -20.93 -5.83 18.10
CA ALA C 86 -20.00 -6.08 19.21
C ALA C 86 -18.96 -7.15 18.87
N VAL C 87 -19.35 -8.18 18.09
CA VAL C 87 -18.50 -9.29 17.67
C VAL C 87 -17.40 -8.79 16.73
N VAL C 88 -17.78 -8.00 15.69
CA VAL C 88 -16.84 -7.41 14.71
C VAL C 88 -15.79 -6.59 15.45
N GLN C 89 -16.23 -5.68 16.33
CA GLN C 89 -15.34 -4.82 17.09
C GLN C 89 -14.40 -5.59 18.02
N SER C 90 -14.89 -6.67 18.65
CA SER C 90 -14.11 -7.48 19.58
C SER C 90 -13.08 -8.33 18.83
N ASP C 91 -13.49 -8.95 17.71
CA ASP C 91 -12.61 -9.78 16.90
C ASP C 91 -11.55 -9.02 16.13
N MET C 92 -11.84 -7.78 15.69
CA MET C 92 -10.86 -7.03 14.90
C MET C 92 -9.65 -6.57 15.73
N LYS C 93 -9.72 -6.62 17.08
CA LYS C 93 -8.59 -6.28 17.96
C LYS C 93 -7.50 -7.38 17.93
N HIS C 94 -7.89 -8.57 17.48
CA HIS C 94 -7.00 -9.73 17.37
C HIS C 94 -6.53 -10.11 15.95
N TRP C 95 -7.16 -9.57 14.91
CA TRP C 95 -6.76 -9.87 13.54
C TRP C 95 -5.59 -9.01 13.09
N PRO C 96 -4.59 -9.59 12.37
CA PRO C 96 -3.50 -8.77 11.85
C PRO C 96 -3.89 -7.94 10.62
N PHE C 97 -4.98 -8.33 9.92
CA PHE C 97 -5.48 -7.62 8.73
C PHE C 97 -6.46 -6.54 9.16
N MET C 98 -6.61 -5.50 8.33
CA MET C 98 -7.50 -4.37 8.59
C MET C 98 -8.94 -4.66 8.21
N VAL C 99 -9.88 -4.18 9.04
CA VAL C 99 -11.31 -4.25 8.79
C VAL C 99 -11.78 -2.78 8.78
N VAL C 100 -12.37 -2.32 7.65
CA VAL C 100 -12.84 -0.93 7.52
C VAL C 100 -14.36 -0.86 7.44
N ASN C 101 -14.91 0.32 7.70
CA ASN C 101 -16.33 0.58 7.68
C ASN C 101 -16.72 1.18 6.33
N ASP C 102 -17.55 0.46 5.57
CA ASP C 102 -18.09 0.96 4.31
C ASP C 102 -19.58 1.10 4.45
N ALA C 103 -20.05 2.33 4.75
CA ALA C 103 -21.47 2.69 4.96
C ALA C 103 -22.20 1.72 5.91
N GLY C 104 -21.56 1.40 7.04
CA GLY C 104 -22.12 0.53 8.06
C GLY C 104 -21.78 -0.93 7.92
N ARG C 105 -21.19 -1.31 6.77
CA ARG C 105 -20.83 -2.69 6.47
C ARG C 105 -19.32 -2.90 6.62
N PRO C 106 -18.86 -4.02 7.21
CA PRO C 106 -17.42 -4.23 7.30
C PRO C 106 -16.84 -4.71 5.96
N LYS C 107 -15.59 -4.34 5.71
CA LYS C 107 -14.82 -4.76 4.54
C LYS C 107 -13.42 -5.08 5.01
N VAL C 108 -12.81 -6.15 4.48
CA VAL C 108 -11.42 -6.44 4.81
C VAL C 108 -10.57 -5.59 3.88
N GLN C 109 -9.55 -4.92 4.41
CA GLN C 109 -8.70 -4.06 3.60
C GLN C 109 -7.31 -4.64 3.52
N VAL C 110 -6.80 -4.77 2.31
CA VAL C 110 -5.48 -5.33 2.10
C VAL C 110 -4.73 -4.58 1.00
N GLU C 111 -3.42 -4.86 0.91
CA GLU C 111 -2.54 -4.45 -0.17
C GLU C 111 -2.51 -5.69 -1.10
N TYR C 112 -2.88 -5.50 -2.39
CA TYR C 112 -2.95 -6.56 -3.41
C TYR C 112 -2.34 -6.01 -4.70
N LYS C 113 -1.16 -6.56 -5.07
CA LYS C 113 -0.33 -6.17 -6.23
C LYS C 113 0.10 -4.71 -6.09
N GLY C 114 0.50 -4.34 -4.88
CA GLY C 114 0.91 -2.99 -4.52
C GLY C 114 -0.18 -1.94 -4.43
N GLU C 115 -1.48 -2.35 -4.48
CA GLU C 115 -2.62 -1.41 -4.39
C GLU C 115 -3.53 -1.75 -3.21
N THR C 116 -4.13 -0.72 -2.58
CA THR C 116 -5.06 -0.89 -1.47
C THR C 116 -6.42 -1.33 -2.03
N LYS C 117 -6.83 -2.56 -1.70
CA LYS C 117 -8.11 -3.15 -2.13
C LYS C 117 -8.98 -3.55 -0.95
N SER C 118 -10.30 -3.39 -1.09
CA SER C 118 -11.22 -3.79 -0.04
C SER C 118 -12.21 -4.83 -0.54
N PHE C 119 -12.59 -5.79 0.32
CA PHE C 119 -13.52 -6.85 -0.04
C PHE C 119 -14.54 -7.08 1.04
N TYR C 120 -15.79 -7.30 0.64
CA TYR C 120 -16.86 -7.65 1.56
C TYR C 120 -16.64 -9.08 2.06
N PRO C 121 -17.13 -9.45 3.28
CA PRO C 121 -16.93 -10.83 3.77
C PRO C 121 -17.47 -11.91 2.82
N GLU C 122 -18.62 -11.66 2.14
CA GLU C 122 -19.19 -12.61 1.18
C GLU C 122 -18.29 -12.80 -0.06
N GLU C 123 -17.48 -11.79 -0.42
CA GLU C 123 -16.52 -11.90 -1.53
C GLU C 123 -15.37 -12.81 -1.12
N VAL C 124 -14.89 -12.66 0.14
CA VAL C 124 -13.82 -13.52 0.67
C VAL C 124 -14.34 -14.96 0.75
N SER C 125 -15.56 -15.16 1.31
CA SER C 125 -16.16 -16.48 1.44
C SER C 125 -16.49 -17.09 0.08
N SER C 126 -16.80 -16.26 -0.94
CA SER C 126 -17.06 -16.76 -2.29
C SER C 126 -15.76 -17.36 -2.87
N MET C 127 -14.59 -16.80 -2.49
CA MET C 127 -13.26 -17.32 -2.95
C MET C 127 -12.98 -18.67 -2.34
N VAL C 128 -13.34 -18.86 -1.05
CA VAL C 128 -13.19 -20.15 -0.34
C VAL C 128 -14.16 -21.16 -0.97
N LEU C 129 -15.42 -20.74 -1.25
CA LEU C 129 -16.41 -21.61 -1.87
C LEU C 129 -16.00 -22.02 -3.28
N THR C 130 -15.35 -21.10 -4.05
CA THR C 130 -14.81 -21.37 -5.39
C THR C 130 -13.78 -22.49 -5.26
N LYS C 131 -12.91 -22.39 -4.23
CA LYS C 131 -11.90 -23.42 -4.02
C LYS C 131 -12.56 -24.77 -3.71
N MET C 132 -13.60 -24.79 -2.83
CA MET C 132 -14.30 -26.04 -2.47
C MET C 132 -14.97 -26.70 -3.71
N LYS C 133 -15.59 -25.88 -4.58
CA LYS C 133 -16.20 -26.28 -5.86
C LYS C 133 -15.09 -26.93 -6.78
N GLU C 134 -13.91 -26.27 -6.90
CA GLU C 134 -12.78 -26.76 -7.71
C GLU C 134 -12.20 -28.05 -7.16
N ILE C 135 -12.14 -28.18 -5.82
CA ILE C 135 -11.68 -29.40 -5.13
C ILE C 135 -12.61 -30.57 -5.53
N ALA C 136 -13.95 -30.33 -5.50
CA ALA C 136 -14.92 -31.35 -5.89
C ALA C 136 -14.78 -31.73 -7.37
N GLU C 137 -14.60 -30.73 -8.26
CA GLU C 137 -14.44 -30.95 -9.71
C GLU C 137 -13.15 -31.71 -10.03
N ALA C 138 -12.02 -31.40 -9.32
CA ALA C 138 -10.73 -32.09 -9.52
C ALA C 138 -10.84 -33.57 -9.20
N TYR C 139 -11.62 -33.93 -8.18
CA TYR C 139 -11.82 -35.32 -7.78
C TYR C 139 -12.80 -36.08 -8.70
N LEU C 140 -13.95 -35.47 -8.98
CA LEU C 140 -15.00 -36.12 -9.77
C LEU C 140 -14.71 -36.19 -11.24
N GLY C 141 -13.93 -35.22 -11.74
CA GLY C 141 -13.60 -35.11 -13.17
C GLY C 141 -14.83 -34.66 -13.94
N LYS C 142 -15.75 -33.96 -13.24
CA LYS C 142 -17.02 -33.45 -13.75
C LYS C 142 -17.27 -32.05 -13.18
N THR C 143 -18.05 -31.21 -13.88
CA THR C 143 -18.36 -29.86 -13.37
C THR C 143 -19.35 -29.99 -12.22
N VAL C 144 -19.19 -29.15 -11.20
CA VAL C 144 -20.00 -29.10 -10.00
C VAL C 144 -20.63 -27.70 -9.95
N THR C 145 -21.97 -27.64 -9.86
CA THR C 145 -22.75 -26.41 -9.77
C THR C 145 -23.67 -26.42 -8.53
N ASN C 146 -24.28 -27.57 -8.23
CA ASN C 146 -25.23 -27.69 -7.11
C ASN C 146 -24.59 -28.05 -5.81
N ALA C 147 -24.95 -27.33 -4.75
CA ALA C 147 -24.41 -27.57 -3.42
C ALA C 147 -25.33 -27.20 -2.30
N VAL C 148 -25.21 -27.92 -1.20
CA VAL C 148 -25.84 -27.58 0.07
C VAL C 148 -24.68 -26.95 0.85
N VAL C 149 -24.90 -25.74 1.41
CA VAL C 149 -23.90 -25.01 2.19
C VAL C 149 -24.43 -24.88 3.62
N THR C 150 -23.61 -25.16 4.61
CA THR C 150 -24.05 -25.11 6.00
C THR C 150 -23.71 -23.76 6.65
N VAL C 151 -24.44 -23.41 7.72
CA VAL C 151 -24.25 -22.21 8.53
C VAL C 151 -24.52 -22.56 10.02
N PRO C 152 -24.01 -21.80 10.99
CA PRO C 152 -24.40 -22.07 12.40
C PRO C 152 -25.91 -21.79 12.61
N ALA C 153 -26.52 -22.51 13.56
CA ALA C 153 -27.95 -22.34 13.87
C ALA C 153 -28.31 -20.95 14.35
N TYR C 154 -27.39 -20.25 15.00
CA TYR C 154 -27.64 -18.89 15.51
C TYR C 154 -27.54 -17.77 14.44
N PHE C 155 -27.13 -18.09 13.19
CA PHE C 155 -27.03 -17.10 12.12
C PHE C 155 -28.42 -16.49 11.89
N ASN C 156 -28.47 -15.15 11.81
CA ASN C 156 -29.71 -14.41 11.58
C ASN C 156 -29.96 -14.37 10.05
N ASP C 157 -30.97 -13.61 9.59
CA ASP C 157 -31.34 -13.49 8.17
C ASP C 157 -30.23 -12.95 7.30
N SER C 158 -29.54 -11.91 7.77
CA SER C 158 -28.46 -11.20 7.07
C SER C 158 -27.24 -12.12 6.90
N GLN C 159 -26.87 -12.85 7.94
CA GLN C 159 -25.74 -13.79 7.90
C GLN C 159 -26.02 -14.97 6.94
N ARG C 160 -27.29 -15.46 6.94
CA ARG C 160 -27.76 -16.53 6.03
C ARG C 160 -27.72 -16.03 4.60
N GLN C 161 -28.31 -14.83 4.33
CA GLN C 161 -28.35 -14.23 2.99
C GLN C 161 -26.95 -13.98 2.43
N ALA C 162 -26.05 -13.40 3.25
CA ALA C 162 -24.66 -13.12 2.84
C ALA C 162 -23.92 -14.43 2.48
N THR C 163 -24.24 -15.57 3.17
CA THR C 163 -23.64 -16.88 2.85
C THR C 163 -24.16 -17.38 1.51
N LYS C 164 -25.48 -17.22 1.26
CA LYS C 164 -26.14 -17.59 0.01
C LYS C 164 -25.50 -16.80 -1.14
N ASP C 165 -25.29 -15.48 -0.94
CA ASP C 165 -24.64 -14.55 -1.88
C ASP C 165 -23.21 -14.98 -2.18
N ALA C 166 -22.46 -15.46 -1.17
CA ALA C 166 -21.09 -15.96 -1.41
C ALA C 166 -21.15 -17.16 -2.37
N GLY C 167 -22.13 -18.05 -2.16
CA GLY C 167 -22.36 -19.22 -3.01
C GLY C 167 -22.68 -18.82 -4.44
N THR C 168 -23.57 -17.80 -4.62
CA THR C 168 -23.95 -17.22 -5.92
C THR C 168 -22.74 -16.63 -6.68
N ILE C 169 -21.92 -15.81 -5.98
CA ILE C 169 -20.70 -15.19 -6.55
C ILE C 169 -19.72 -16.30 -7.00
N ALA C 170 -19.63 -17.39 -6.22
CA ALA C 170 -18.77 -18.54 -6.51
C ALA C 170 -19.29 -19.39 -7.69
N GLY C 171 -20.45 -19.05 -8.24
CA GLY C 171 -21.07 -19.76 -9.36
C GLY C 171 -21.81 -21.02 -8.92
N LEU C 172 -22.13 -21.10 -7.63
CA LEU C 172 -22.86 -22.26 -7.12
C LEU C 172 -24.36 -22.00 -7.10
N ASN C 173 -25.12 -23.05 -7.43
CA ASN C 173 -26.55 -23.09 -7.29
C ASN C 173 -26.75 -23.72 -5.89
N VAL C 174 -27.01 -22.87 -4.90
CA VAL C 174 -27.18 -23.31 -3.51
C VAL C 174 -28.56 -23.93 -3.34
N LEU C 175 -28.59 -25.28 -3.22
CA LEU C 175 -29.84 -26.05 -3.08
C LEU C 175 -30.55 -25.80 -1.77
N ARG C 176 -29.78 -25.52 -0.71
CA ARG C 176 -30.30 -25.21 0.62
C ARG C 176 -29.17 -24.76 1.49
N ILE C 177 -29.50 -23.84 2.38
CA ILE C 177 -28.63 -23.41 3.45
C ILE C 177 -29.19 -24.18 4.65
N ILE C 178 -28.40 -25.09 5.20
CA ILE C 178 -28.84 -25.86 6.37
C ILE C 178 -28.02 -25.52 7.57
N ASN C 179 -28.61 -25.63 8.76
CA ASN C 179 -27.87 -25.44 10.00
C ASN C 179 -26.84 -26.56 10.17
N GLU C 180 -25.64 -26.24 10.70
CA GLU C 180 -24.55 -27.20 10.98
C GLU C 180 -25.04 -28.32 11.91
N PRO C 181 -25.76 -28.03 13.02
CA PRO C 181 -26.29 -29.13 13.86
C PRO C 181 -27.28 -30.05 13.14
N THR C 182 -28.09 -29.49 12.21
CA THR C 182 -29.04 -30.28 11.39
C THR C 182 -28.27 -31.25 10.51
N ALA C 183 -27.24 -30.73 9.79
CA ALA C 183 -26.37 -31.53 8.93
C ALA C 183 -25.74 -32.70 9.72
N ALA C 184 -25.25 -32.43 10.95
CA ALA C 184 -24.63 -33.47 11.80
C ALA C 184 -25.66 -34.54 12.17
N ALA C 185 -26.93 -34.13 12.47
CA ALA C 185 -28.01 -35.08 12.80
C ALA C 185 -28.35 -35.92 11.56
N ILE C 186 -28.33 -35.31 10.36
CA ILE C 186 -28.60 -35.99 9.08
C ILE C 186 -27.53 -37.05 8.79
N ALA C 187 -26.24 -36.70 9.09
CA ALA C 187 -25.09 -37.62 8.87
C ALA C 187 -25.31 -38.94 9.63
N TYR C 188 -25.92 -38.85 10.85
CA TYR C 188 -26.22 -40.01 11.71
C TYR C 188 -27.58 -40.65 11.47
N GLY C 189 -28.30 -40.20 10.45
CA GLY C 189 -29.63 -40.71 10.11
C GLY C 189 -30.64 -40.54 11.22
N LEU C 190 -30.46 -39.51 12.09
CA LEU C 190 -31.37 -39.26 13.22
C LEU C 190 -32.79 -38.90 12.82
N ASP C 191 -32.95 -38.35 11.58
CA ASP C 191 -34.25 -37.98 10.99
C ASP C 191 -34.96 -39.18 10.31
N LYS C 192 -34.33 -40.36 10.33
CA LYS C 192 -34.90 -41.58 9.76
C LYS C 192 -35.27 -42.60 10.84
N LYS C 193 -34.96 -42.31 12.12
CA LYS C 193 -35.30 -43.19 13.24
C LYS C 193 -36.81 -43.19 13.45
N VAL C 194 -37.40 -44.38 13.55
CA VAL C 194 -38.83 -44.59 13.72
C VAL C 194 -39.24 -44.27 15.17
N GLY C 195 -40.49 -43.84 15.33
CA GLY C 195 -41.04 -43.50 16.63
C GLY C 195 -41.56 -42.08 16.72
N ALA C 196 -41.66 -41.56 17.95
CA ALA C 196 -42.14 -40.21 18.21
C ALA C 196 -41.05 -39.16 17.93
N GLU C 197 -41.28 -37.91 18.34
CA GLU C 197 -40.30 -36.85 18.10
C GLU C 197 -39.05 -37.08 18.93
N ARG C 198 -37.89 -36.79 18.33
CA ARG C 198 -36.60 -36.97 18.97
C ARG C 198 -35.97 -35.64 19.31
N ASN C 199 -35.50 -35.51 20.55
CA ASN C 199 -34.75 -34.36 21.06
C ASN C 199 -33.27 -34.71 20.88
N VAL C 200 -32.54 -33.86 20.13
CA VAL C 200 -31.12 -34.10 19.77
C VAL C 200 -30.23 -32.99 20.32
N LEU C 201 -29.16 -33.37 21.03
CA LEU C 201 -28.19 -32.40 21.48
C LEU C 201 -26.93 -32.55 20.59
N ILE C 202 -26.51 -31.44 19.97
CA ILE C 202 -25.30 -31.40 19.14
C ILE C 202 -24.23 -30.68 19.97
N PHE C 203 -23.12 -31.39 20.26
CA PHE C 203 -22.02 -30.86 21.06
C PHE C 203 -20.85 -30.64 20.08
N ASP C 204 -20.67 -29.37 19.66
CA ASP C 204 -19.71 -28.96 18.64
C ASP C 204 -18.53 -28.17 19.25
N LEU C 205 -17.39 -28.86 19.41
CA LEU C 205 -16.18 -28.28 20.01
C LEU C 205 -14.99 -28.35 19.03
N GLY C 206 -14.66 -27.21 18.42
CA GLY C 206 -13.58 -27.11 17.45
C GLY C 206 -12.28 -26.55 18.02
N GLY C 207 -11.53 -25.86 17.16
CA GLY C 207 -10.25 -25.27 17.50
C GLY C 207 -10.36 -23.96 18.23
N GLY C 208 -11.42 -23.22 17.92
CA GLY C 208 -11.62 -21.92 18.53
C GLY C 208 -13.03 -21.53 18.92
N THR C 209 -14.02 -22.42 18.73
CA THR C 209 -15.43 -22.15 19.09
C THR C 209 -16.08 -23.35 19.73
N PHE C 210 -17.05 -23.09 20.61
CA PHE C 210 -17.86 -24.12 21.24
C PHE C 210 -19.35 -23.78 21.03
N ASP C 211 -20.08 -24.69 20.42
CA ASP C 211 -21.51 -24.54 20.14
C ASP C 211 -22.31 -25.73 20.59
N VAL C 212 -23.35 -25.47 21.38
CA VAL C 212 -24.30 -26.50 21.79
C VAL C 212 -25.63 -26.16 21.11
N SER C 213 -26.29 -27.15 20.48
CA SER C 213 -27.60 -26.92 19.87
C SER C 213 -28.54 -28.03 20.28
N ILE C 214 -29.80 -27.69 20.51
CA ILE C 214 -30.83 -28.66 20.81
C ILE C 214 -31.88 -28.57 19.71
N LEU C 215 -32.11 -29.70 19.03
CA LEU C 215 -33.06 -29.83 17.92
C LEU C 215 -34.13 -30.81 18.26
N THR C 216 -35.31 -30.64 17.62
CA THR C 216 -36.42 -31.59 17.69
C THR C 216 -36.63 -32.09 16.28
N ILE C 217 -36.83 -33.40 16.12
CA ILE C 217 -37.07 -33.99 14.82
C ILE C 217 -38.35 -34.79 14.93
N GLU C 218 -39.29 -34.52 14.03
CA GLU C 218 -40.58 -35.19 13.98
C GLU C 218 -40.94 -35.38 12.53
N ASP C 219 -41.01 -36.65 12.09
CA ASP C 219 -41.33 -37.04 10.73
C ASP C 219 -40.45 -36.30 9.68
N GLY C 220 -39.14 -36.28 9.94
CA GLY C 220 -38.14 -35.65 9.09
C GLY C 220 -38.05 -34.14 9.14
N ILE C 221 -38.88 -33.48 9.96
CA ILE C 221 -38.92 -32.02 10.11
C ILE C 221 -38.13 -31.61 11.34
N PHE C 222 -37.16 -30.70 11.12
CA PHE C 222 -36.28 -30.17 12.15
C PHE C 222 -36.73 -28.83 12.65
N GLU C 223 -36.55 -28.64 13.94
CA GLU C 223 -36.82 -27.40 14.61
C GLU C 223 -35.69 -27.16 15.61
N VAL C 224 -35.04 -25.98 15.53
CA VAL C 224 -33.99 -25.60 16.50
C VAL C 224 -34.72 -25.15 17.75
N LYS C 225 -34.46 -25.83 18.87
CA LYS C 225 -35.09 -25.50 20.18
C LYS C 225 -34.29 -24.46 20.95
N SER C 226 -32.97 -24.59 20.93
CA SER C 226 -32.05 -23.70 21.66
C SER C 226 -30.62 -23.82 21.18
N THR C 227 -29.85 -22.76 21.41
CA THR C 227 -28.43 -22.70 21.08
C THR C 227 -27.71 -22.05 22.27
N ALA C 228 -26.52 -22.54 22.59
CA ALA C 228 -25.68 -22.03 23.67
C ALA C 228 -24.24 -22.31 23.27
N GLY C 229 -23.29 -21.80 24.03
CA GLY C 229 -21.89 -22.05 23.70
C GLY C 229 -20.93 -21.04 24.26
N ASP C 230 -19.70 -21.13 23.79
CA ASP C 230 -18.63 -20.23 24.21
C ASP C 230 -17.82 -19.94 22.95
N THR C 231 -17.85 -18.66 22.53
CA THR C 231 -17.12 -18.19 21.34
C THR C 231 -15.60 -18.28 21.54
N HIS C 232 -15.12 -18.16 22.82
CA HIS C 232 -13.70 -18.19 23.23
C HIS C 232 -13.05 -19.58 23.24
N LEU C 233 -13.78 -20.60 23.76
CA LEU C 233 -13.34 -21.96 24.03
C LEU C 233 -13.11 -22.88 22.82
N GLY C 234 -11.92 -23.49 22.77
CA GLY C 234 -11.55 -24.46 21.73
C GLY C 234 -10.28 -25.21 22.01
N GLY C 235 -9.89 -26.08 21.08
CA GLY C 235 -8.64 -26.84 21.14
C GLY C 235 -7.41 -25.99 21.37
N GLU C 236 -7.40 -24.74 20.82
CA GLU C 236 -6.31 -23.76 20.99
C GLU C 236 -6.09 -23.42 22.46
N ASP C 237 -7.18 -23.34 23.26
CA ASP C 237 -7.08 -23.06 24.70
C ASP C 237 -6.41 -24.21 25.44
N PHE C 238 -6.64 -25.47 24.98
CA PHE C 238 -6.05 -26.65 25.58
C PHE C 238 -4.55 -26.71 25.26
N ASP C 239 -4.17 -26.29 24.03
CA ASP C 239 -2.77 -26.19 23.60
C ASP C 239 -2.08 -25.10 24.45
N ASN C 240 -2.76 -24.00 24.75
CA ASN C 240 -2.19 -22.93 25.57
C ASN C 240 -1.84 -23.42 26.97
N ARG C 241 -2.70 -24.25 27.55
CA ARG C 241 -2.48 -24.83 28.88
C ARG C 241 -1.26 -25.74 28.88
N MET C 242 -1.08 -26.58 27.85
N MET C 242 -1.08 -26.60 27.85
CA MET C 242 0.10 -27.47 27.73
CA MET C 242 0.09 -27.48 27.75
C MET C 242 1.36 -26.63 27.55
C MET C 242 1.35 -26.65 27.53
N VAL C 243 1.28 -25.59 26.69
CA VAL C 243 2.42 -24.68 26.43
C VAL C 243 2.86 -24.01 27.74
N ASN C 244 1.91 -23.55 28.57
CA ASN C 244 2.18 -22.92 29.86
C ASN C 244 2.83 -23.93 30.82
N HIS C 245 2.32 -25.17 30.82
CA HIS C 245 2.86 -26.27 31.61
C HIS C 245 4.32 -26.54 31.24
N PHE C 246 4.63 -26.57 29.94
CA PHE C 246 5.98 -26.88 29.52
C PHE C 246 6.95 -25.69 29.70
N ILE C 247 6.48 -24.44 29.54
CA ILE C 247 7.33 -23.27 29.78
C ILE C 247 7.72 -23.27 31.27
N ALA C 248 6.75 -23.57 32.17
CA ALA C 248 6.97 -23.65 33.62
C ALA C 248 7.94 -24.81 33.96
N GLU C 249 7.77 -25.97 33.31
CA GLU C 249 8.67 -27.12 33.51
C GLU C 249 10.10 -26.77 33.08
N PHE C 250 10.27 -26.06 31.94
CA PHE C 250 11.61 -25.66 31.47
C PHE C 250 12.26 -24.68 32.47
N LYS C 251 11.47 -23.77 33.04
CA LYS C 251 11.95 -22.84 34.08
C LYS C 251 12.41 -23.64 35.31
N ARG C 252 11.65 -24.67 35.75
CA ARG C 252 12.01 -25.48 36.92
C ARG C 252 13.26 -26.31 36.68
N LYS C 253 13.35 -26.96 35.52
CA LYS C 253 14.50 -27.80 35.16
C LYS C 253 15.77 -27.02 34.79
N HIS C 254 15.63 -25.90 34.05
CA HIS C 254 16.79 -25.18 33.53
C HIS C 254 16.98 -23.74 33.98
N LYS C 255 16.04 -23.20 34.78
CA LYS C 255 16.08 -21.81 35.28
C LYS C 255 16.17 -20.81 34.12
N LYS C 256 15.49 -21.16 33.00
CA LYS C 256 15.48 -20.34 31.82
C LYS C 256 14.07 -20.15 31.33
N ASP C 257 13.76 -18.94 30.92
CA ASP C 257 12.46 -18.55 30.41
C ASP C 257 12.53 -18.50 28.88
N ILE C 258 11.83 -19.43 28.20
CA ILE C 258 11.82 -19.48 26.73
C ILE C 258 10.74 -18.57 26.11
N SER C 259 9.82 -18.01 26.94
CA SER C 259 8.59 -17.34 26.48
C SER C 259 8.76 -16.10 25.59
N GLU C 260 9.92 -15.45 25.57
CA GLU C 260 10.11 -14.30 24.68
C GLU C 260 10.76 -14.69 23.35
N ASN C 261 11.09 -15.99 23.18
CA ASN C 261 11.69 -16.49 21.94
C ASN C 261 10.51 -17.07 21.14
N LYS C 262 10.03 -16.34 20.13
CA LYS C 262 8.86 -16.72 19.33
C LYS C 262 8.98 -18.07 18.65
N ARG C 263 10.17 -18.38 18.10
CA ARG C 263 10.43 -19.63 17.42
C ARG C 263 10.43 -20.80 18.37
N ALA C 264 11.05 -20.65 19.59
CA ALA C 264 11.05 -21.72 20.61
C ALA C 264 9.63 -22.02 21.08
N VAL C 265 8.82 -20.96 21.32
CA VAL C 265 7.41 -21.14 21.71
C VAL C 265 6.63 -21.81 20.57
N ARG C 266 6.87 -21.44 19.31
CA ARG C 266 6.16 -22.06 18.19
C ARG C 266 6.48 -23.55 18.08
N ARG C 267 7.78 -23.90 18.21
CA ARG C 267 8.21 -25.30 18.15
C ARG C 267 7.52 -26.10 19.27
N LEU C 268 7.50 -25.55 20.47
CA LEU C 268 6.83 -26.16 21.62
C LEU C 268 5.31 -26.29 21.38
N ARG C 269 4.65 -25.22 20.88
CA ARG C 269 3.21 -25.22 20.60
CA ARG C 269 3.21 -25.22 20.60
C ARG C 269 2.85 -26.31 19.59
N THR C 270 3.61 -26.41 18.48
CA THR C 270 3.37 -27.42 17.45
C THR C 270 3.48 -28.85 18.03
N ALA C 271 4.54 -29.08 18.85
CA ALA C 271 4.75 -30.36 19.51
C ALA C 271 3.59 -30.64 20.52
N CYS C 272 3.11 -29.63 21.27
CA CYS C 272 1.98 -29.80 22.21
C CYS C 272 0.68 -30.22 21.51
N GLU C 273 0.34 -29.53 20.40
CA GLU C 273 -0.89 -29.83 19.65
C GLU C 273 -0.90 -31.29 19.17
N ARG C 274 0.26 -31.78 18.70
CA ARG C 274 0.44 -33.14 18.20
C ARG C 274 0.34 -34.14 19.38
N ALA C 275 0.98 -33.83 20.53
CA ALA C 275 0.96 -34.68 21.73
C ALA C 275 -0.48 -34.78 22.24
N LYS C 276 -1.23 -33.65 22.22
CA LYS C 276 -2.65 -33.62 22.61
C LYS C 276 -3.45 -34.64 21.75
N ARG C 277 -3.24 -34.65 20.41
CA ARG C 277 -3.95 -35.62 19.56
C ARG C 277 -3.60 -37.08 19.97
N THR C 278 -2.32 -37.34 20.25
CA THR C 278 -1.83 -38.65 20.69
C THR C 278 -2.56 -39.09 21.98
N LEU C 279 -2.78 -38.14 22.91
CA LEU C 279 -3.42 -38.39 24.21
C LEU C 279 -4.90 -38.79 24.11
N SER C 280 -5.54 -38.63 22.93
CA SER C 280 -6.92 -39.07 22.74
C SER C 280 -6.99 -40.57 22.47
N SER C 281 -5.87 -41.21 22.08
CA SER C 281 -5.87 -42.65 21.84
C SER C 281 -4.79 -43.41 22.63
N SER C 282 -3.88 -42.69 23.31
CA SER C 282 -2.81 -43.23 24.17
C SER C 282 -2.83 -42.51 25.51
N THR C 283 -2.31 -43.15 26.56
CA THR C 283 -2.34 -42.55 27.89
C THR C 283 -1.12 -41.71 28.17
N GLN C 284 -0.14 -41.71 27.27
CA GLN C 284 1.10 -40.90 27.39
C GLN C 284 1.57 -40.43 26.01
N ALA C 285 2.27 -39.30 25.97
CA ALA C 285 2.86 -38.77 24.74
C ALA C 285 4.27 -38.25 25.06
N SER C 286 5.23 -38.54 24.17
CA SER C 286 6.60 -38.07 24.35
C SER C 286 6.91 -36.97 23.37
N ILE C 287 7.74 -36.02 23.81
CA ILE C 287 8.19 -34.87 23.03
C ILE C 287 9.71 -34.76 23.16
N GLU C 288 10.40 -34.70 22.00
CA GLU C 288 11.85 -34.51 21.90
C GLU C 288 12.13 -33.33 20.98
N ILE C 289 12.60 -32.22 21.55
CA ILE C 289 12.92 -31.03 20.77
C ILE C 289 14.38 -30.70 21.01
N ASP C 290 15.23 -30.94 20.01
CA ASP C 290 16.66 -30.61 20.14
C ASP C 290 16.85 -29.11 20.10
N SER C 291 17.78 -28.61 20.95
CA SER C 291 18.20 -27.23 20.99
C SER C 291 16.99 -26.27 20.94
N LEU C 292 16.00 -26.52 21.81
CA LEU C 292 14.79 -25.69 21.95
C LEU C 292 15.15 -24.23 22.27
N TYR C 293 16.02 -24.02 23.28
CA TYR C 293 16.37 -22.70 23.74
C TYR C 293 17.76 -22.70 24.36
N GLU C 294 18.61 -21.77 23.89
CA GLU C 294 20.00 -21.62 24.29
C GLU C 294 20.76 -22.95 24.26
N GLY C 295 20.52 -23.73 23.19
CA GLY C 295 21.17 -25.00 22.92
C GLY C 295 20.68 -26.18 23.75
N ILE C 296 19.69 -25.93 24.66
CA ILE C 296 19.14 -26.97 25.53
C ILE C 296 18.12 -27.87 24.82
N ASP C 297 18.37 -29.19 24.86
CA ASP C 297 17.45 -30.19 24.32
C ASP C 297 16.33 -30.39 25.30
N PHE C 298 15.10 -30.43 24.81
CA PHE C 298 13.93 -30.59 25.68
C PHE C 298 13.24 -31.91 25.39
N TYR C 299 13.56 -32.91 26.23
CA TYR C 299 13.02 -34.26 26.15
C TYR C 299 12.13 -34.46 27.35
N THR C 300 10.86 -34.59 27.07
CA THR C 300 9.87 -34.72 28.12
C THR C 300 8.72 -35.62 27.67
N SER C 301 7.72 -35.72 28.53
CA SER C 301 6.52 -36.49 28.27
C SER C 301 5.37 -35.91 29.10
N ILE C 302 4.15 -36.21 28.66
CA ILE C 302 2.95 -35.79 29.36
C ILE C 302 1.98 -36.98 29.36
N THR C 303 1.37 -37.29 30.50
CA THR C 303 0.36 -38.36 30.58
C THR C 303 -1.00 -37.75 30.24
N ARG C 304 -1.98 -38.59 29.89
CA ARG C 304 -3.34 -38.15 29.65
C ARG C 304 -3.91 -37.52 30.96
N ALA C 305 -3.58 -38.12 32.13
CA ALA C 305 -4.08 -37.60 33.42
C ALA C 305 -3.61 -36.16 33.68
N ARG C 306 -2.33 -35.86 33.38
CA ARG C 306 -1.73 -34.53 33.55
C ARG C 306 -2.37 -33.52 32.60
N PHE C 307 -2.56 -33.89 31.32
CA PHE C 307 -3.23 -33.06 30.32
C PHE C 307 -4.65 -32.71 30.78
N GLU C 308 -5.37 -33.69 31.33
CA GLU C 308 -6.73 -33.50 31.87
C GLU C 308 -6.73 -32.54 33.05
N GLU C 309 -5.77 -32.68 33.98
CA GLU C 309 -5.65 -31.79 35.15
C GLU C 309 -5.40 -30.36 34.71
N LEU C 310 -4.49 -30.14 33.74
CA LEU C 310 -4.14 -28.79 33.25
C LEU C 310 -5.33 -28.05 32.65
N ASN C 311 -6.27 -28.79 32.07
CA ASN C 311 -7.47 -28.25 31.42
C ASN C 311 -8.78 -28.54 32.16
N ALA C 312 -8.73 -29.02 33.44
CA ALA C 312 -9.94 -29.48 34.15
C ALA C 312 -11.10 -28.48 34.18
N ASP C 313 -10.82 -27.19 34.46
CA ASP C 313 -11.84 -26.12 34.53
C ASP C 313 -12.46 -25.86 33.13
N LEU C 314 -11.66 -25.92 32.07
CA LEU C 314 -12.13 -25.72 30.69
C LEU C 314 -13.03 -26.89 30.22
N PHE C 315 -12.59 -28.14 30.48
CA PHE C 315 -13.37 -29.35 30.12
C PHE C 315 -14.69 -29.37 30.89
N ARG C 316 -14.63 -29.06 32.20
CA ARG C 316 -15.79 -29.00 33.10
C ARG C 316 -16.77 -27.90 32.63
N GLY C 317 -16.24 -26.77 32.17
CA GLY C 317 -17.01 -25.64 31.70
C GLY C 317 -17.83 -25.89 30.44
N THR C 318 -17.53 -26.96 29.68
CA THR C 318 -18.32 -27.29 28.47
C THR C 318 -19.76 -27.72 28.85
N LEU C 319 -19.96 -28.14 30.12
CA LEU C 319 -21.27 -28.58 30.60
C LEU C 319 -22.24 -27.44 30.93
N ASP C 320 -21.70 -26.22 31.20
CA ASP C 320 -22.50 -25.03 31.51
C ASP C 320 -23.39 -24.62 30.30
N PRO C 321 -22.88 -24.47 29.04
CA PRO C 321 -23.79 -24.21 27.91
C PRO C 321 -24.75 -25.37 27.61
N VAL C 322 -24.39 -26.62 27.95
CA VAL C 322 -25.30 -27.77 27.81
C VAL C 322 -26.52 -27.54 28.74
N GLU C 323 -26.28 -27.16 30.01
CA GLU C 323 -27.39 -26.91 30.95
C GLU C 323 -28.21 -25.72 30.50
N LYS C 324 -27.55 -24.66 29.98
CA LYS C 324 -28.19 -23.42 29.49
C LYS C 324 -29.11 -23.76 28.28
N ALA C 325 -28.62 -24.59 27.34
CA ALA C 325 -29.39 -25.03 26.16
C ALA C 325 -30.61 -25.85 26.60
N LEU C 326 -30.41 -26.77 27.59
CA LEU C 326 -31.52 -27.58 28.13
C LEU C 326 -32.60 -26.68 28.78
N ARG C 327 -32.15 -25.69 29.59
CA ARG C 327 -33.03 -24.71 30.25
C ARG C 327 -33.86 -23.96 29.20
N ASP C 328 -33.18 -23.40 28.19
CA ASP C 328 -33.80 -22.64 27.08
C ASP C 328 -34.76 -23.47 26.22
N ALA C 329 -34.48 -24.77 26.05
CA ALA C 329 -35.34 -25.68 25.27
C ALA C 329 -36.48 -26.22 26.15
N LYS C 330 -36.47 -25.89 27.47
CA LYS C 330 -37.47 -26.34 28.45
C LYS C 330 -37.51 -27.88 28.54
N LEU C 331 -36.32 -28.52 28.55
CA LEU C 331 -36.17 -29.96 28.63
C LEU C 331 -35.28 -30.37 29.79
N ASP C 332 -35.52 -31.56 30.34
CA ASP C 332 -34.69 -32.18 31.37
C ASP C 332 -33.63 -32.96 30.56
N LYS C 333 -32.46 -33.19 31.15
CA LYS C 333 -31.38 -33.96 30.48
C LYS C 333 -31.84 -35.38 30.08
N SER C 334 -32.80 -35.95 30.82
CA SER C 334 -33.38 -37.27 30.57
C SER C 334 -34.26 -37.30 29.28
N GLN C 335 -34.68 -36.12 28.78
CA GLN C 335 -35.54 -36.06 27.58
C GLN C 335 -34.71 -35.96 26.29
N ILE C 336 -33.37 -36.03 26.39
CA ILE C 336 -32.50 -36.03 25.21
C ILE C 336 -32.39 -37.47 24.69
N HIS C 337 -32.85 -37.71 23.45
CA HIS C 337 -32.82 -39.01 22.77
C HIS C 337 -31.46 -39.32 22.10
N ASP C 338 -30.76 -38.28 21.60
CA ASP C 338 -29.50 -38.46 20.86
C ASP C 338 -28.50 -37.37 21.16
N ILE C 339 -27.25 -37.76 21.32
CA ILE C 339 -26.14 -36.83 21.54
C ILE C 339 -25.16 -37.02 20.38
N VAL C 340 -24.83 -35.94 19.68
CA VAL C 340 -23.92 -35.98 18.54
C VAL C 340 -22.66 -35.16 18.81
N LEU C 341 -21.48 -35.74 18.51
CA LEU C 341 -20.21 -35.05 18.65
C LEU C 341 -19.71 -34.49 17.33
N VAL C 342 -19.42 -33.18 17.31
CA VAL C 342 -18.89 -32.46 16.13
C VAL C 342 -17.64 -31.68 16.58
N GLY C 343 -16.65 -31.53 15.70
CA GLY C 343 -15.42 -30.80 15.99
C GLY C 343 -14.32 -31.71 16.51
N GLY C 344 -13.09 -31.47 16.05
CA GLY C 344 -11.96 -32.31 16.44
C GLY C 344 -11.69 -32.46 17.93
N SER C 345 -12.03 -31.46 18.75
CA SER C 345 -11.76 -31.51 20.19
C SER C 345 -12.69 -32.49 20.93
N THR C 346 -13.77 -32.95 20.29
CA THR C 346 -14.66 -33.92 20.92
C THR C 346 -14.01 -35.31 21.00
N ARG C 347 -12.86 -35.48 20.34
CA ARG C 347 -12.13 -36.74 20.39
C ARG C 347 -11.50 -36.92 21.79
N ILE C 348 -11.38 -35.82 22.60
CA ILE C 348 -10.80 -35.90 23.95
C ILE C 348 -11.64 -36.84 24.85
N PRO C 349 -11.04 -37.98 25.32
CA PRO C 349 -11.80 -38.93 26.15
C PRO C 349 -12.46 -38.33 27.38
N LYS C 350 -11.81 -37.36 28.05
CA LYS C 350 -12.35 -36.72 29.25
C LYS C 350 -13.59 -35.91 28.91
N ILE C 351 -13.59 -35.24 27.75
CA ILE C 351 -14.76 -34.48 27.30
C ILE C 351 -15.92 -35.43 27.06
N GLN C 352 -15.65 -36.57 26.42
CA GLN C 352 -16.65 -37.62 26.15
C GLN C 352 -17.18 -38.20 27.46
N LYS C 353 -16.28 -38.46 28.42
CA LYS C 353 -16.61 -39.02 29.74
C LYS C 353 -17.54 -38.09 30.55
N LEU C 354 -17.21 -36.77 30.62
CA LEU C 354 -17.97 -35.75 31.31
C LEU C 354 -19.40 -35.62 30.72
N LEU C 355 -19.50 -35.60 29.39
CA LEU C 355 -20.79 -35.52 28.67
C LEU C 355 -21.63 -36.78 28.88
N GLN C 356 -20.99 -37.96 28.82
CA GLN C 356 -21.66 -39.24 29.04
C GLN C 356 -22.15 -39.39 30.49
N ASP C 357 -21.33 -38.97 31.49
CA ASP C 357 -21.70 -39.01 32.92
C ASP C 357 -22.84 -38.04 33.19
N PHE C 358 -22.82 -36.85 32.55
CA PHE C 358 -23.88 -35.86 32.69
C PHE C 358 -25.21 -36.46 32.20
N PHE C 359 -25.18 -37.18 31.06
CA PHE C 359 -26.39 -37.81 30.51
C PHE C 359 -26.63 -39.24 31.02
N ASN C 360 -26.16 -39.54 32.25
CA ASN C 360 -26.32 -40.82 32.96
C ASN C 360 -25.94 -42.07 32.16
N GLY C 361 -24.76 -42.03 31.53
CA GLY C 361 -24.18 -43.14 30.79
C GLY C 361 -24.67 -43.38 29.38
N LYS C 362 -25.45 -42.46 28.83
CA LYS C 362 -25.98 -42.57 27.48
C LYS C 362 -24.86 -42.57 26.43
N GLU C 363 -24.91 -43.53 25.46
CA GLU C 363 -23.90 -43.63 24.38
C GLU C 363 -23.95 -42.41 23.49
N LEU C 364 -22.79 -41.96 23.04
CA LEU C 364 -22.68 -40.78 22.18
C LEU C 364 -22.55 -41.19 20.72
N ASN C 365 -23.09 -40.38 19.78
CA ASN C 365 -22.91 -40.59 18.33
C ASN C 365 -21.59 -39.92 18.00
N LYS C 366 -20.57 -40.75 17.73
CA LYS C 366 -19.21 -40.29 17.54
C LYS C 366 -18.40 -41.01 16.44
N SER C 367 -18.97 -42.07 15.83
CA SER C 367 -18.31 -42.90 14.82
C SER C 367 -17.93 -42.15 13.54
N ILE C 368 -18.66 -41.09 13.20
CA ILE C 368 -18.33 -40.29 12.02
C ILE C 368 -17.25 -39.31 12.44
N ASN C 369 -16.19 -39.17 11.62
CA ASN C 369 -15.08 -38.24 11.84
C ASN C 369 -15.66 -36.87 12.25
N PRO C 370 -15.43 -36.37 13.50
CA PRO C 370 -16.09 -35.12 13.95
C PRO C 370 -15.77 -33.86 13.14
N ASP C 371 -14.66 -33.86 12.39
CA ASP C 371 -14.27 -32.73 11.53
C ASP C 371 -15.02 -32.78 10.21
N GLU C 372 -15.55 -33.97 9.88
CA GLU C 372 -16.23 -34.22 8.61
C GLU C 372 -17.73 -34.40 8.71
N ALA C 373 -18.30 -34.63 9.94
CA ALA C 373 -19.72 -34.92 10.14
C ALA C 373 -20.68 -33.93 9.47
N VAL C 374 -20.37 -32.62 9.58
CA VAL C 374 -21.20 -31.55 9.02
C VAL C 374 -21.22 -31.63 7.48
N ALA C 375 -20.04 -31.75 6.82
CA ALA C 375 -19.94 -31.86 5.37
C ALA C 375 -20.61 -33.16 4.93
N TYR C 376 -20.48 -34.22 5.75
CA TYR C 376 -21.08 -35.53 5.52
C TYR C 376 -22.60 -35.40 5.39
N GLY C 377 -23.23 -34.77 6.39
CA GLY C 377 -24.68 -34.57 6.39
C GLY C 377 -25.10 -33.64 5.27
N ALA C 378 -24.27 -32.62 4.96
CA ALA C 378 -24.58 -31.68 3.88
C ALA C 378 -24.61 -32.42 2.54
N ALA C 379 -23.68 -33.40 2.33
CA ALA C 379 -23.58 -34.20 1.09
C ALA C 379 -24.75 -35.16 0.98
N VAL C 380 -25.15 -35.77 2.11
CA VAL C 380 -26.35 -36.63 2.17
C VAL C 380 -27.56 -35.79 1.72
N GLN C 381 -27.72 -34.58 2.29
CA GLN C 381 -28.86 -33.68 1.96
C GLN C 381 -28.81 -33.17 0.50
N ALA C 382 -27.59 -32.93 -0.04
CA ALA C 382 -27.38 -32.53 -1.42
C ALA C 382 -27.87 -33.62 -2.39
N ALA C 383 -27.59 -34.91 -2.07
CA ALA C 383 -28.05 -36.08 -2.85
C ALA C 383 -29.55 -36.18 -2.79
N ILE C 384 -30.15 -36.01 -1.59
CA ILE C 384 -31.62 -36.04 -1.39
C ILE C 384 -32.29 -34.96 -2.25
N LEU C 385 -31.71 -33.75 -2.29
CA LEU C 385 -32.28 -32.63 -3.06
C LEU C 385 -31.99 -32.65 -4.57
N SER C 386 -31.17 -33.62 -5.06
CA SER C 386 -30.83 -33.76 -6.47
C SER C 386 -31.92 -34.46 -7.27
N LEU D 3 20.18 -56.93 16.31
CA LEU D 3 19.01 -56.36 16.98
C LEU D 3 19.42 -55.31 18.01
N GLY D 4 20.40 -55.62 18.84
CA GLY D 4 20.87 -54.71 19.86
C GLY D 4 21.47 -53.41 19.34
N SER D 5 22.30 -53.53 18.31
CA SER D 5 22.95 -52.38 17.73
C SER D 5 22.68 -52.39 16.23
N ASN D 6 22.56 -51.22 15.64
CA ASN D 6 22.27 -51.14 14.21
C ASN D 6 21.03 -51.92 13.80
N SER D 7 19.91 -51.64 14.47
CA SER D 7 18.66 -52.30 14.14
C SER D 7 18.09 -51.80 12.81
N PRO D 8 17.41 -52.67 12.08
CA PRO D 8 16.79 -52.26 10.79
C PRO D 8 15.80 -51.09 10.96
N GLN D 9 15.14 -50.98 12.13
CA GLN D 9 14.18 -49.91 12.42
C GLN D 9 14.86 -48.53 12.40
N GLU D 10 16.16 -48.47 12.80
CA GLU D 10 16.91 -47.22 12.77
C GLU D 10 17.11 -46.71 11.32
N GLU D 11 17.20 -47.63 10.37
CA GLU D 11 17.33 -47.30 8.95
C GLU D 11 16.16 -46.44 8.45
N VAL D 12 14.95 -46.71 8.97
CA VAL D 12 13.75 -45.95 8.65
C VAL D 12 13.93 -44.47 9.13
N GLU D 13 14.44 -44.28 10.36
CA GLU D 13 14.65 -42.93 10.91
C GLU D 13 15.76 -42.19 10.19
N LEU D 14 16.84 -42.90 9.87
CA LEU D 14 17.97 -42.32 9.12
C LEU D 14 17.52 -41.88 7.73
N LYS D 15 16.67 -42.69 7.05
CA LYS D 15 16.11 -42.33 5.74
C LYS D 15 15.29 -41.03 5.84
N LYS D 16 14.43 -40.88 6.88
CA LYS D 16 13.63 -39.66 7.14
C LYS D 16 14.56 -38.43 7.30
N LEU D 17 15.62 -38.57 8.13
CA LEU D 17 16.62 -37.53 8.38
C LEU D 17 17.42 -37.15 7.12
N LYS D 18 17.73 -38.12 6.22
CA LYS D 18 18.45 -37.83 4.97
C LYS D 18 17.55 -36.98 4.07
N HIS D 19 16.22 -37.30 4.01
CA HIS D 19 15.26 -36.55 3.22
C HIS D 19 15.19 -35.10 3.73
N LEU D 20 15.21 -34.91 5.08
CA LEU D 20 15.17 -33.57 5.70
C LEU D 20 16.47 -32.80 5.39
N GLU D 21 17.64 -33.46 5.45
CA GLU D 21 18.95 -32.89 5.07
C GLU D 21 18.91 -32.37 3.64
N LYS D 22 18.34 -33.15 2.70
CA LYS D 22 18.21 -32.74 1.29
C LYS D 22 17.31 -31.50 1.20
N SER D 23 16.18 -31.51 1.94
CA SER D 23 15.24 -30.38 1.97
C SER D 23 15.90 -29.13 2.52
N VAL D 24 16.76 -29.28 3.55
CA VAL D 24 17.52 -28.19 4.15
C VAL D 24 18.50 -27.61 3.12
N GLU D 25 19.18 -28.49 2.34
CA GLU D 25 20.14 -28.07 1.32
C GLU D 25 19.51 -27.18 0.25
N LYS D 26 18.28 -27.48 -0.19
CA LYS D 26 17.53 -26.67 -1.16
C LYS D 26 17.25 -25.27 -0.61
N ILE D 27 16.84 -25.18 0.68
CA ILE D 27 16.53 -23.90 1.33
C ILE D 27 17.81 -23.10 1.50
N ALA D 28 18.93 -23.75 1.85
CA ALA D 28 20.23 -23.07 2.00
C ALA D 28 20.72 -22.51 0.64
N ASP D 29 20.38 -23.18 -0.48
CA ASP D 29 20.72 -22.69 -1.83
C ASP D 29 19.96 -21.37 -2.10
N GLN D 30 18.68 -21.27 -1.64
CA GLN D 30 17.84 -20.07 -1.76
C GLN D 30 18.45 -18.92 -0.97
N LEU D 31 18.92 -19.22 0.27
CA LEU D 31 19.55 -18.26 1.17
C LEU D 31 20.88 -17.78 0.55
N GLU D 32 21.66 -18.73 -0.01
CA GLU D 32 22.93 -18.41 -0.68
C GLU D 32 22.66 -17.42 -1.82
N GLU D 33 21.64 -17.68 -2.66
CA GLU D 33 21.25 -16.76 -3.73
C GLU D 33 20.85 -15.39 -3.18
N LEU D 34 20.07 -15.34 -2.07
CA LEU D 34 19.68 -14.07 -1.45
C LEU D 34 20.89 -13.26 -0.97
N ASN D 35 21.89 -13.92 -0.31
CA ASN D 35 23.13 -13.29 0.15
C ASN D 35 23.88 -12.69 -1.03
N LYS D 36 23.96 -13.43 -2.16
CA LYS D 36 24.60 -12.96 -3.38
C LYS D 36 23.85 -11.75 -3.95
N GLU D 37 22.50 -11.82 -4.00
CA GLU D 37 21.65 -10.74 -4.48
C GLU D 37 21.72 -9.50 -3.58
N LEU D 38 21.85 -9.70 -2.25
CA LEU D 38 22.02 -8.68 -1.21
C LEU D 38 23.35 -7.94 -1.48
N THR D 39 24.46 -8.69 -1.66
CA THR D 39 25.79 -8.19 -2.00
C THR D 39 25.78 -7.47 -3.37
N GLY D 40 25.05 -8.05 -4.32
CA GLY D 40 24.86 -7.53 -5.67
C GLY D 40 24.24 -6.15 -5.70
N ILE D 41 23.23 -5.90 -4.83
CA ILE D 41 22.57 -4.59 -4.72
C ILE D 41 23.51 -3.56 -4.03
N GLN D 42 24.20 -3.96 -2.93
CA GLN D 42 25.12 -3.09 -2.17
C GLN D 42 26.34 -2.66 -2.98
N GLN D 43 26.86 -3.56 -3.82
CA GLN D 43 28.07 -3.31 -4.61
C GLN D 43 27.78 -3.13 -6.12
N GLY D 44 26.50 -2.99 -6.47
CA GLY D 44 26.01 -2.83 -7.84
C GLY D 44 26.03 -1.42 -8.38
N PHE D 45 25.19 -1.15 -9.37
CA PHE D 45 25.14 0.12 -10.11
C PHE D 45 23.98 1.07 -9.73
N LEU D 46 23.14 0.68 -8.76
CA LEU D 46 22.02 1.53 -8.35
C LEU D 46 22.48 2.68 -7.45
N PRO D 47 21.89 3.90 -7.51
CA PRO D 47 22.26 4.95 -6.54
C PRO D 47 21.81 4.55 -5.12
N LYS D 48 22.38 5.19 -4.07
CA LYS D 48 22.11 4.91 -2.66
C LYS D 48 20.62 4.81 -2.28
N ASP D 49 19.79 5.78 -2.72
CA ASP D 49 18.35 5.79 -2.44
C ASP D 49 17.64 4.61 -3.09
N LEU D 50 18.06 4.26 -4.33
CA LEU D 50 17.46 3.14 -5.06
C LEU D 50 17.90 1.75 -4.54
N GLN D 51 19.05 1.68 -3.83
CA GLN D 51 19.57 0.43 -3.28
C GLN D 51 18.69 -0.07 -2.13
N ALA D 52 18.28 0.83 -1.22
CA ALA D 52 17.39 0.53 -0.08
C ALA D 52 16.06 -0.11 -0.55
N GLU D 53 15.46 0.41 -1.66
CA GLU D 53 14.22 -0.10 -2.24
C GLU D 53 14.38 -1.54 -2.80
N ALA D 54 15.46 -1.79 -3.58
CA ALA D 54 15.75 -3.12 -4.14
C ALA D 54 16.03 -4.16 -3.02
N LEU D 55 16.76 -3.75 -1.95
CA LEU D 55 17.07 -4.57 -0.78
C LEU D 55 15.80 -4.90 -0.01
N CYS D 56 14.87 -3.92 0.14
CA CYS D 56 13.62 -4.17 0.85
C CYS D 56 12.69 -5.08 0.05
N LYS D 57 12.89 -5.17 -1.30
CA LYS D 57 12.13 -6.07 -2.17
C LYS D 57 12.49 -7.55 -1.91
N LEU D 58 13.60 -7.82 -1.16
CA LEU D 58 14.04 -9.17 -0.79
C LEU D 58 13.35 -9.72 0.48
N ASP D 59 12.66 -8.85 1.22
CA ASP D 59 11.91 -9.17 2.44
C ASP D 59 11.03 -10.41 2.31
N ARG D 60 10.17 -10.47 1.27
CA ARG D 60 9.30 -11.61 1.05
C ARG D 60 10.08 -12.91 0.95
N ARG D 61 11.17 -12.93 0.15
CA ARG D 61 11.99 -14.11 -0.02
C ARG D 61 12.75 -14.52 1.25
N VAL D 62 13.25 -13.57 2.06
CA VAL D 62 13.96 -13.94 3.30
C VAL D 62 12.97 -14.54 4.34
N LYS D 63 11.75 -13.95 4.41
CA LYS D 63 10.70 -14.42 5.30
C LYS D 63 10.26 -15.80 4.86
N ALA D 64 10.18 -16.07 3.53
CA ALA D 64 9.81 -17.38 3.00
C ALA D 64 10.90 -18.41 3.38
N THR D 65 12.18 -18.02 3.29
CA THR D 65 13.33 -18.86 3.68
C THR D 65 13.27 -19.20 5.18
N ILE D 66 13.01 -18.22 6.04
CA ILE D 66 12.86 -18.42 7.50
C ILE D 66 11.74 -19.42 7.76
N GLU D 67 10.57 -19.21 7.10
CA GLU D 67 9.41 -20.06 7.27
C GLU D 67 9.66 -21.52 6.81
N GLN D 68 10.42 -21.70 5.73
CA GLN D 68 10.76 -23.04 5.25
C GLN D 68 11.65 -23.75 6.27
N PHE D 69 12.57 -23.04 6.90
CA PHE D 69 13.47 -23.61 7.92
C PHE D 69 12.68 -23.99 9.19
N MET D 70 11.68 -23.16 9.56
CA MET D 70 10.83 -23.39 10.75
C MET D 70 9.99 -24.64 10.53
N LYS D 71 9.47 -24.83 9.28
CA LYS D 71 8.68 -26.00 8.96
C LYS D 71 9.55 -27.26 9.03
N ILE D 72 10.82 -27.16 8.60
CA ILE D 72 11.78 -28.25 8.73
C ILE D 72 11.96 -28.63 10.20
N LEU D 73 12.18 -27.63 11.08
CA LEU D 73 12.38 -27.88 12.52
C LEU D 73 11.18 -28.57 13.14
N GLU D 74 9.96 -28.19 12.72
CA GLU D 74 8.72 -28.78 13.23
C GLU D 74 8.59 -30.26 12.80
N GLU D 75 9.04 -30.57 11.58
CA GLU D 75 9.04 -31.94 11.08
C GLU D 75 10.11 -32.75 11.83
N ILE D 76 11.30 -32.19 12.08
CA ILE D 76 12.34 -32.88 12.87
C ILE D 76 11.80 -33.17 14.30
N ASP D 77 11.05 -32.22 14.85
CA ASP D 77 10.48 -32.31 16.20
C ASP D 77 9.41 -33.40 16.34
N THR D 78 8.99 -34.06 15.24
CA THR D 78 8.02 -35.17 15.31
C THR D 78 8.74 -36.50 15.60
N LEU D 79 10.08 -36.54 15.43
CA LEU D 79 10.87 -37.75 15.66
C LEU D 79 11.01 -38.08 17.13
N ILE D 80 10.94 -39.37 17.44
CA ILE D 80 11.17 -39.94 18.78
C ILE D 80 12.25 -40.95 18.55
N LEU D 81 13.45 -40.70 19.09
CA LEU D 81 14.57 -41.59 18.84
C LEU D 81 15.08 -42.20 20.13
N PRO D 82 14.89 -43.54 20.32
CA PRO D 82 15.40 -44.18 21.54
C PRO D 82 16.90 -43.97 21.71
N GLU D 83 17.40 -44.00 22.97
CA GLU D 83 18.82 -43.76 23.25
C GLU D 83 19.77 -44.73 22.51
N ASN D 84 19.29 -45.92 22.18
CA ASN D 84 20.06 -46.90 21.42
C ASN D 84 20.30 -46.44 19.98
N PHE D 85 19.40 -45.58 19.47
CA PHE D 85 19.50 -45.04 18.13
C PHE D 85 20.47 -43.85 18.17
N LYS D 86 21.73 -44.13 18.46
CA LYS D 86 22.75 -43.10 18.55
C LYS D 86 23.07 -42.35 17.26
N ASP D 87 23.15 -43.06 16.15
CA ASP D 87 23.44 -42.40 14.88
C ASP D 87 22.31 -41.44 14.51
N SER D 88 21.07 -41.86 14.72
CA SER D 88 19.92 -41.03 14.41
C SER D 88 19.91 -39.78 15.29
N ARG D 89 20.21 -39.96 16.57
CA ARG D 89 20.26 -38.83 17.53
C ARG D 89 21.34 -37.83 17.15
N LEU D 90 22.55 -38.32 16.75
CA LEU D 90 23.66 -37.47 16.32
CA LEU D 90 23.65 -37.45 16.32
C LEU D 90 23.28 -36.71 15.03
N LYS D 91 22.63 -37.41 14.08
CA LYS D 91 22.19 -36.84 12.81
C LYS D 91 21.14 -35.77 13.05
N ARG D 92 20.17 -36.06 13.95
CA ARG D 92 19.12 -35.10 14.31
C ARG D 92 19.72 -33.83 14.93
N LYS D 93 20.63 -33.99 15.91
CA LYS D 93 21.30 -32.89 16.59
C LYS D 93 22.07 -32.00 15.62
N GLY D 94 22.87 -32.62 14.74
CA GLY D 94 23.63 -31.93 13.71
C GLY D 94 22.74 -31.13 12.78
N LEU D 95 21.65 -31.74 12.30
CA LEU D 95 20.74 -31.05 11.38
C LEU D 95 20.01 -29.86 12.04
N VAL D 96 19.57 -29.99 13.33
CA VAL D 96 18.93 -28.88 14.04
C VAL D 96 19.91 -27.67 14.18
N LYS D 97 21.15 -27.93 14.64
CA LYS D 97 22.17 -26.87 14.76
C LYS D 97 22.45 -26.22 13.38
N LYS D 98 22.56 -27.02 12.33
CA LYS D 98 22.79 -26.50 10.96
C LYS D 98 21.63 -25.54 10.56
N VAL D 99 20.37 -25.95 10.82
CA VAL D 99 19.18 -25.14 10.51
C VAL D 99 19.18 -23.86 11.33
N GLN D 100 19.53 -23.97 12.64
CA GLN D 100 19.60 -22.80 13.53
C GLN D 100 20.71 -21.80 13.11
N ALA D 101 21.84 -22.31 12.60
CA ALA D 101 22.91 -21.42 12.09
C ALA D 101 22.41 -20.69 10.82
N PHE D 102 21.67 -21.40 9.95
CA PHE D 102 21.05 -20.81 8.76
C PHE D 102 19.99 -19.78 9.15
N LEU D 103 19.20 -20.05 10.22
CA LEU D 103 18.20 -19.09 10.70
C LEU D 103 18.86 -17.81 11.23
N ALA D 104 20.03 -17.94 11.91
CA ALA D 104 20.80 -16.79 12.39
C ALA D 104 21.31 -15.97 11.19
N GLU D 105 21.68 -16.62 10.08
CA GLU D 105 22.10 -15.89 8.85
C GLU D 105 20.89 -15.17 8.23
N CYS D 106 19.71 -15.80 8.25
CA CYS D 106 18.46 -15.18 7.77
C CYS D 106 18.17 -13.91 8.58
N ASP D 107 18.36 -14.00 9.92
CA ASP D 107 18.13 -12.87 10.85
C ASP D 107 19.05 -11.71 10.53
N THR D 108 20.30 -12.03 10.15
CA THR D 108 21.32 -11.06 9.74
C THR D 108 20.82 -10.34 8.47
N VAL D 109 20.31 -11.08 7.48
CA VAL D 109 19.76 -10.52 6.23
C VAL D 109 18.62 -9.54 6.60
N GLU D 110 17.70 -9.97 7.48
CA GLU D 110 16.60 -9.12 7.98
C GLU D 110 17.09 -7.84 8.66
N GLN D 111 18.25 -7.89 9.35
CA GLN D 111 18.86 -6.72 10.02
C GLN D 111 19.46 -5.73 9.02
N ASN D 112 19.70 -6.17 7.78
CA ASN D 112 20.34 -5.35 6.76
C ASN D 112 19.41 -4.85 5.66
N ILE D 113 18.13 -5.18 5.72
CA ILE D 113 17.13 -4.79 4.72
C ILE D 113 15.93 -4.17 5.41
N CYS D 114 15.22 -3.26 4.71
CA CYS D 114 14.01 -2.58 5.21
C CYS D 114 14.26 -1.74 6.48
N GLN D 115 15.51 -1.28 6.68
CA GLN D 115 15.91 -0.46 7.83
C GLN D 115 15.44 0.98 7.67
O5' ADN E . 5.17 20.95 -8.10
C5' ADN E . 4.45 21.58 -7.05
C4' ADN E . 5.14 21.46 -5.71
O4' ADN E . 5.12 20.09 -5.25
C3' ADN E . 6.60 21.92 -5.65
O3' ADN E . 6.81 22.71 -4.49
C2' ADN E . 7.37 20.60 -5.58
O2' ADN E . 8.61 20.70 -4.88
C1' ADN E . 6.40 19.76 -4.77
N9 ADN E . 6.62 18.32 -4.87
C8 ADN E . 6.60 17.55 -6.01
N7 ADN E . 6.95 16.30 -5.81
C5 ADN E . 7.21 16.24 -4.45
C6 ADN E . 7.67 15.21 -3.62
N6 ADN E . 7.97 13.98 -4.06
N1 ADN E . 7.81 15.48 -2.31
C2 ADN E . 7.55 16.71 -1.86
N3 ADN E . 7.15 17.78 -2.56
C4 ADN E . 7.00 17.47 -3.86
C1 GOL F . 29.29 31.63 -6.86
O1 GOL F . 30.17 30.93 -5.97
C2 GOL F . 28.47 30.69 -7.72
O2 GOL F . 29.24 30.12 -8.80
C3 GOL F . 27.68 29.62 -7.00
O3 GOL F . 28.49 28.67 -6.32
C1 GOL G . 1.78 8.82 -21.34
O1 GOL G . 0.65 9.27 -20.60
C2 GOL G . 2.50 9.97 -22.02
O2 GOL G . 2.76 11.01 -21.08
C3 GOL G . 1.72 10.51 -23.20
O3 GOL G . 2.38 11.65 -23.75
C1 GOL H . -5.78 33.19 -6.43
O1 GOL H . -6.03 34.56 -6.74
C2 GOL H . -5.71 32.41 -7.72
O2 GOL H . -7.02 32.32 -8.29
C3 GOL H . -5.16 31.02 -7.47
O3 GOL H . -5.45 30.15 -8.56
C1 GOL I . -12.86 6.68 -14.95
O1 GOL I . -11.56 6.14 -15.16
C2 GOL I . -13.04 7.10 -13.51
O2 GOL I . -12.02 8.02 -13.15
C3 GOL I . -14.39 7.73 -13.29
O3 GOL I . -15.41 6.75 -13.14
C TRS J . -4.02 22.62 -8.98
C1 TRS J . -4.83 21.37 -9.32
C2 TRS J . -3.81 23.50 -10.23
C3 TRS J . -2.66 22.25 -8.38
N TRS J . -4.80 23.42 -7.97
O1 TRS J . -4.04 20.41 -10.01
O2 TRS J . -5.03 24.05 -10.72
O3 TRS J . -2.65 22.27 -6.96
C1 GOL K . 33.38 49.22 -23.12
O1 GOL K . 33.63 47.84 -23.17
C2 GOL K . 34.35 49.90 -22.19
O2 GOL K . 33.82 49.86 -20.85
C3 GOL K . 34.51 51.33 -22.67
O3 GOL K . 35.20 51.37 -23.92
C1 GOL L . 40.22 6.19 -8.86
O1 GOL L . 38.96 6.84 -8.69
C2 GOL L . 40.54 5.31 -7.67
O2 GOL L . 39.34 4.69 -7.20
C3 GOL L . 41.52 4.25 -8.08
O3 GOL L . 41.33 3.06 -7.30
C1 GOL M . 40.16 29.36 -13.11
O1 GOL M . 39.90 29.14 -11.72
C2 GOL M . 41.32 28.53 -13.62
O2 GOL M . 42.56 29.22 -13.41
C3 GOL M . 41.18 28.14 -15.07
O3 GOL M . 39.84 27.77 -15.42
C1 GOL N . 36.59 32.72 -9.99
O1 GOL N . 36.27 31.52 -10.69
C2 GOL N . 37.12 32.44 -8.61
O2 GOL N . 37.14 33.66 -7.85
C3 GOL N . 38.51 31.84 -8.65
O3 GOL N . 38.73 30.97 -7.55
O5' ADN O . -9.04 -29.05 14.23
C5' ADN O . -9.86 -28.48 15.23
C4' ADN O . -9.34 -28.78 16.63
O4' ADN O . -9.47 -30.20 16.89
C3' ADN O . -7.87 -28.43 16.88
O3' ADN O . -7.73 -27.67 18.08
C2' ADN O . -7.19 -29.79 16.96
O2' ADN O . -6.04 -29.80 17.78
C1' ADN O . -8.32 -30.62 17.57
N9 ADN O . -8.17 -32.06 17.44
C8 ADN O . -8.13 -32.81 16.29
N7 ADN O . -7.88 -34.08 16.48
C5 ADN O . -7.76 -34.19 17.86
C6 ADN O . -7.52 -35.30 18.71
N6 ADN O . -7.23 -36.52 18.27
N1 ADN O . -7.56 -35.07 20.04
C2 ADN O . -7.77 -33.82 20.49
N3 ADN O . -7.94 -32.71 19.78
C4 ADN O . -7.94 -32.96 18.47
C1 GOL P . 15.61 -20.60 18.88
O1 GOL P . 16.57 -21.48 19.48
C2 GOL P . 14.75 -21.31 17.87
O2 GOL P . 15.54 -22.03 16.90
C3 GOL P . 13.76 -22.25 18.53
O3 GOL P . 14.38 -23.41 19.01
C1 GOL Q . -19.54 -15.86 15.01
O1 GOL Q . -18.85 -14.63 14.87
C2 GOL Q . -19.95 -16.38 13.65
O2 GOL Q . -20.11 -15.30 12.73
C3 GOL Q . -18.95 -17.38 13.11
O3 GOL Q . -19.01 -18.59 13.83
C1 GOL R . 13.76 -19.16 36.63
O1 GOL R . 12.96 -19.16 37.82
C2 GOL R . 13.00 -18.57 35.47
O2 GOL R . 13.80 -18.66 34.29
C3 GOL R . 12.62 -17.12 35.68
O3 GOL R . 11.87 -16.63 34.57
C TRS S . -17.74 -26.69 12.44
C1 TRS S . -18.45 -28.02 12.18
C2 TRS S . -17.37 -25.98 11.12
C3 TRS S . -16.46 -26.87 13.28
N TRS S . -18.69 -25.81 13.20
O1 TRS S . -17.71 -28.90 11.34
O2 TRS S . -18.48 -25.34 10.51
O3 TRS S . -16.65 -27.76 14.38
C1 GOL T . 23.87 -47.05 16.05
O1 GOL T . 22.89 -46.08 16.44
C2 GOL T . 24.13 -48.06 17.15
O2 GOL T . 22.96 -48.87 17.34
C3 GOL T . 25.31 -48.96 16.92
O3 GOL T . 26.37 -48.32 16.20
#